data_6EN8
#
_entry.id   6EN8
#
_cell.length_a   54.850
_cell.length_b   178.310
_cell.length_c   266.700
_cell.angle_alpha   90.00
_cell.angle_beta   90.00
_cell.angle_gamma   90.00
#
_symmetry.space_group_name_H-M   'P 21 21 21'
#
loop_
_entity.id
_entity.type
_entity.pdbx_description
1 polymer 'Transcriptional regulator TetR family'
2 polymer "DNA (5'-D(*GP*TP*CP*GP*AP*CP*TP*CP*AP*AP*AP*AP*AP*TP*CP*AP*AP*GP*TP*AP*G)-3')"
3 polymer "DNA (5'-D(*CP*TP*AP*CP*TP*TP*GP*AP*TP*TP*TP*TP*TP*GP*AP*GP*TP*CP*GP*AP*C)-3')"
4 non-polymer 'UNKNOWN LIGAND'
#
loop_
_entity_poly.entity_id
_entity_poly.type
_entity_poly.pdbx_seq_one_letter_code
_entity_poly.pdbx_strand_id
1 'polypeptide(L)'
;(MSE)(MSE)YRAPKTEKGKESLNKILDASVELIADKGFLSTSINDITSKAGVAYGLFYFYFKSKHDILDEIIRQFNRN
(MSE)RYYLKTYTQNLDSRIDVEKVG(MSE)KKFLEW(MSE)NENKKYYKIFIETQVHRPDIYKWHF(MSE)KLAERYTT
GLSEA(MSE)RRGEIINVDPELLSYVLIGIAH(MSE)LGKRYVLWSNSGLTLKQQRDLDLIIEN(MSE)LTPR
;
A,B,C,D,E,F
2 'polydeoxyribonucleotide'
;(UNK)(DG)(DT)(DC)(DG)(DA)(DC)(DT)(DC)(DA)(DA)(DA)(DA)(DA)(DT)(DC)(DA)(DA)(DG)
(DT)(DA)(DG)
;
Q,Y
3 'polydeoxyribonucleotide'
;(UNK)(DC)(DT)(DA)(DC)(DT)(DT)(DG)(DA)(DT)(DT)(DT)(DT)(DT)(DG)(DA)(DG)(DT)(DC)
(DG)(DA)(DC)
;
X,Z
#
loop_
_chem_comp.id
_chem_comp.type
_chem_comp.name
_chem_comp.formula
DA DNA linking 2'-DEOXYADENOSINE-5'-MONOPHOSPHATE 'C10 H14 N5 O6 P'
DC DNA linking 2'-DEOXYCYTIDINE-5'-MONOPHOSPHATE 'C9 H14 N3 O7 P'
DG DNA linking 2'-DEOXYGUANOSINE-5'-MONOPHOSPHATE 'C10 H14 N5 O7 P'
DT DNA linking THYMIDINE-5'-MONOPHOSPHATE 'C10 H15 N2 O8 P'
UNL non-polymer 'UNKNOWN LIGAND' ?
#
# COMPACT_ATOMS: atom_id res chain seq x y z
N PRO A 6 14.96 26.49 50.84
CA PRO A 6 15.42 27.86 51.11
C PRO A 6 15.67 28.15 52.59
N LYS A 7 15.48 27.14 53.48
CA LYS A 7 15.65 27.19 54.95
C LYS A 7 16.98 27.80 55.43
N THR A 8 18.08 27.41 54.77
CA THR A 8 19.47 27.81 55.05
C THR A 8 19.87 28.95 54.10
N GLU A 9 21.01 29.60 54.40
CA GLU A 9 21.60 30.63 53.57
C GLU A 9 22.41 29.96 52.43
N LYS A 10 22.80 28.68 52.64
CA LYS A 10 23.53 27.87 51.65
C LYS A 10 22.53 27.40 50.58
N GLY A 11 21.30 27.15 51.02
CA GLY A 11 20.19 26.74 50.16
C GLY A 11 19.85 27.83 49.16
N LYS A 12 19.66 29.06 49.66
CA LYS A 12 19.36 30.26 48.86
C LYS A 12 20.52 30.60 47.94
N GLU A 13 21.76 30.29 48.38
CA GLU A 13 22.99 30.51 47.63
C GLU A 13 23.04 29.60 46.39
N SER A 14 22.77 28.29 46.58
CA SER A 14 22.78 27.28 45.51
C SER A 14 21.62 27.42 44.54
N LEU A 15 20.41 27.80 45.03
CA LEU A 15 19.23 28.02 44.19
C LEU A 15 19.58 29.10 43.14
N ASN A 16 20.21 30.20 43.59
CA ASN A 16 20.62 31.30 42.73
C ASN A 16 21.64 30.87 41.70
N LYS A 17 22.56 29.95 42.04
CA LYS A 17 23.55 29.41 41.10
C LYS A 17 22.83 28.73 39.92
N ILE A 18 21.80 27.90 40.22
CA ILE A 18 20.95 27.17 39.28
C ILE A 18 20.13 28.15 38.46
N LEU A 19 19.52 29.13 39.15
CA LEU A 19 18.67 30.18 38.59
C LEU A 19 19.40 31.09 37.59
N ASP A 20 20.61 31.57 37.96
CA ASP A 20 21.43 32.44 37.12
C ASP A 20 21.90 31.73 35.84
N ALA A 21 22.30 30.45 35.98
CA ALA A 21 22.74 29.63 34.85
C ALA A 21 21.59 29.42 33.87
N SER A 22 20.37 29.18 34.41
CA SER A 22 19.13 28.99 33.66
C SER A 22 18.84 30.22 32.84
N VAL A 23 18.86 31.42 33.48
CA VAL A 23 18.65 32.70 32.82
C VAL A 23 19.60 32.81 31.62
N GLU A 24 20.90 32.67 31.90
CA GLU A 24 21.98 32.73 30.91
C GLU A 24 21.82 31.75 29.76
N LEU A 25 21.45 30.49 30.04
CA LEU A 25 21.30 29.46 29.02
C LEU A 25 20.02 29.60 28.19
N ILE A 26 18.85 29.62 28.87
CA ILE A 26 17.52 29.76 28.25
C ILE A 26 17.49 30.95 27.28
N ALA A 27 18.03 32.10 27.72
CA ALA A 27 18.12 33.30 26.88
C ALA A 27 18.96 33.04 25.63
N ASP A 28 20.14 32.41 25.81
CA ASP A 28 21.08 32.12 24.75
C ASP A 28 20.62 31.08 23.73
N LYS A 29 20.36 29.83 24.16
CA LYS A 29 20.04 28.74 23.24
C LYS A 29 18.54 28.38 23.10
N GLY A 30 17.70 28.86 24.01
CA GLY A 30 16.27 28.58 23.97
C GLY A 30 15.84 27.57 25.03
N PHE A 31 14.56 27.60 25.43
CA PHE A 31 14.05 26.69 26.45
C PHE A 31 14.15 25.22 26.07
N LEU A 32 13.83 24.84 24.83
CA LEU A 32 13.88 23.45 24.40
C LEU A 32 15.31 22.91 24.33
N SER A 33 16.23 23.71 23.78
CA SER A 33 17.64 23.34 23.63
C SER A 33 18.35 23.14 24.97
N THR A 34 17.96 23.88 26.04
CA THR A 34 18.55 23.78 27.38
C THR A 34 18.04 22.57 28.18
N SER A 35 18.96 21.69 28.61
CA SER A 35 18.64 20.51 29.41
C SER A 35 18.88 20.81 30.89
N ILE A 36 18.43 19.92 31.81
CA ILE A 36 18.68 20.11 33.24
C ILE A 36 20.20 19.94 33.47
N ASN A 37 20.83 19.00 32.74
CA ASN A 37 22.27 18.80 32.80
C ASN A 37 22.99 20.07 32.37
N ASP A 38 22.52 20.74 31.29
CA ASP A 38 23.10 21.98 30.79
C ASP A 38 23.11 23.08 31.86
N ILE A 39 22.02 23.16 32.65
CA ILE A 39 21.86 24.13 33.73
C ILE A 39 22.81 23.80 34.88
N THR A 40 22.72 22.57 35.43
CA THR A 40 23.52 22.09 36.55
C THR A 40 25.01 22.10 36.28
N SER A 41 25.44 21.76 35.05
CA SER A 41 26.86 21.79 34.70
C SER A 41 27.39 23.23 34.68
N LYS A 42 26.67 24.15 33.99
CA LYS A 42 27.03 25.59 33.95
C LYS A 42 27.03 26.15 35.38
N ALA A 43 26.03 25.77 36.19
CA ALA A 43 25.90 26.18 37.58
C ALA A 43 26.99 25.56 38.47
N GLY A 44 27.57 24.45 38.00
CA GLY A 44 28.61 23.71 38.71
C GLY A 44 28.06 23.03 39.95
N VAL A 45 26.94 22.33 39.79
CA VAL A 45 26.23 21.62 40.86
C VAL A 45 25.84 20.21 40.37
N ALA A 46 25.23 19.39 41.26
CA ALA A 46 24.77 18.04 40.94
C ALA A 46 23.54 18.10 40.06
N TYR A 47 23.38 17.10 39.15
CA TYR A 47 22.22 17.05 38.27
C TYR A 47 20.93 17.13 39.08
N GLY A 48 20.73 16.16 39.97
CA GLY A 48 19.54 16.04 40.82
C GLY A 48 19.28 17.18 41.76
N LEU A 49 20.26 18.08 41.96
CA LEU A 49 20.10 19.22 42.88
C LEU A 49 19.05 20.21 42.38
N PHE A 50 18.89 20.30 41.05
CA PHE A 50 17.90 21.15 40.37
C PHE A 50 16.53 20.77 40.90
N TYR A 51 16.29 19.46 41.03
CA TYR A 51 15.03 18.92 41.47
C TYR A 51 14.75 19.10 42.95
N PHE A 52 15.79 19.45 43.73
CA PHE A 52 15.65 19.72 45.16
C PHE A 52 14.98 21.08 45.34
N TYR A 53 15.30 22.04 44.45
CA TYR A 53 14.78 23.40 44.48
C TYR A 53 13.61 23.63 43.54
N PHE A 54 13.56 22.88 42.42
CA PHE A 54 12.52 23.06 41.42
C PHE A 54 11.73 21.79 41.14
N LYS A 55 10.41 21.94 40.93
CA LYS A 55 9.52 20.81 40.68
C LYS A 55 9.79 20.16 39.31
N SER A 56 9.85 20.98 38.24
CA SER A 56 10.14 20.54 36.88
C SER A 56 10.85 21.66 36.12
N LYS A 57 11.32 21.37 34.88
CA LYS A 57 12.01 22.34 34.02
C LYS A 57 11.16 23.58 33.75
N HIS A 58 9.84 23.40 33.56
CA HIS A 58 8.88 24.49 33.32
C HIS A 58 8.71 25.42 34.51
N ASP A 59 8.85 24.88 35.75
CA ASP A 59 8.69 25.64 36.99
C ASP A 59 9.76 26.73 37.18
N ILE A 60 10.94 26.56 36.56
CA ILE A 60 12.01 27.55 36.66
C ILE A 60 11.66 28.83 35.86
N LEU A 61 10.85 28.70 34.78
CA LEU A 61 10.40 29.83 33.98
C LEU A 61 9.55 30.75 34.85
N ASP A 62 8.62 30.16 35.64
CA ASP A 62 7.71 30.86 36.55
C ASP A 62 8.45 31.76 37.53
N GLU A 63 9.64 31.31 38.02
CA GLU A 63 10.46 32.09 38.93
C GLU A 63 11.27 33.17 38.20
N ILE A 64 11.79 32.86 37.01
CA ILE A 64 12.55 33.81 36.19
C ILE A 64 11.66 35.00 35.78
N ILE A 65 10.38 34.75 35.45
CA ILE A 65 9.39 35.78 35.06
C ILE A 65 8.93 36.58 36.27
N ARG A 66 8.71 35.93 37.43
CA ARG A 66 8.29 36.65 38.64
C ARG A 66 9.35 37.65 39.11
N GLN A 67 10.65 37.34 38.88
CA GLN A 67 11.77 38.23 39.18
C GLN A 67 11.81 39.35 38.14
N PHE A 68 11.59 39.02 36.86
CA PHE A 68 11.55 39.93 35.72
C PHE A 68 10.48 41.00 35.91
N ASN A 69 9.28 40.60 36.39
CA ASN A 69 8.16 41.49 36.65
C ASN A 69 8.50 42.44 37.80
N ARG A 70 9.03 41.91 38.92
CA ARG A 70 9.44 42.69 40.11
C ARG A 70 10.53 43.71 39.81
N ASN A 71 11.65 43.26 39.22
CA ASN A 71 12.82 44.08 38.88
C ASN A 71 12.52 45.19 37.86
N MSE A 72 11.60 44.93 36.91
CA MSE A 72 11.21 45.92 35.91
C MSE A 72 10.28 46.97 36.55
O MSE A 72 10.49 48.16 36.32
CB MSE A 72 10.51 45.25 34.73
CG MSE A 72 10.38 46.14 33.51
SE MSE A 72 9.02 45.48 32.30
CE MSE A 72 7.46 45.82 33.40
N ARG A 73 9.28 46.52 37.33
CA ARG A 73 8.34 47.40 38.02
C ARG A 73 9.03 48.35 38.98
N TYR A 74 10.05 47.87 39.71
CA TYR A 74 10.81 48.68 40.67
C TYR A 74 11.67 49.74 39.96
N TYR A 75 12.43 49.35 38.92
CA TYR A 75 13.29 50.24 38.14
C TYR A 75 12.47 51.37 37.52
N LEU A 76 11.28 51.03 37.00
CA LEU A 76 10.38 51.99 36.37
C LEU A 76 9.69 52.90 37.38
N LYS A 77 9.52 52.43 38.64
CA LYS A 77 8.93 53.23 39.73
C LYS A 77 9.93 54.32 40.15
N THR A 78 11.23 53.98 40.12
CA THR A 78 12.36 54.84 40.46
C THR A 78 12.31 56.20 39.75
N TYR A 79 12.22 56.17 38.41
CA TYR A 79 12.23 57.37 37.58
C TYR A 79 10.89 58.10 37.49
N THR A 80 9.76 57.36 37.48
CA THR A 80 8.41 57.94 37.36
C THR A 80 7.90 58.66 38.62
N GLN A 81 8.55 58.46 39.79
CA GLN A 81 8.20 59.07 41.08
C GLN A 81 8.39 60.60 41.10
N ASN A 82 9.50 61.08 40.49
CA ASN A 82 9.91 62.49 40.42
C ASN A 82 8.86 63.43 39.81
N LEU A 83 8.46 63.17 38.54
CA LEU A 83 7.52 63.95 37.76
C LEU A 83 6.08 63.85 38.26
N ASP A 84 5.39 65.00 38.25
CA ASP A 84 3.98 65.08 38.65
C ASP A 84 3.11 65.66 37.51
N SER A 85 3.33 65.07 36.32
CA SER A 85 2.64 65.34 35.06
C SER A 85 2.62 63.98 34.35
N ARG A 86 1.45 63.35 34.26
CA ARG A 86 1.29 62.02 33.67
C ARG A 86 1.84 61.93 32.25
N ILE A 87 1.69 62.99 31.43
CA ILE A 87 2.24 63.00 30.06
C ILE A 87 3.78 62.90 30.15
N ASP A 88 4.40 63.60 31.10
CA ASP A 88 5.85 63.55 31.34
C ASP A 88 6.28 62.21 31.98
N VAL A 89 5.40 61.62 32.82
CA VAL A 89 5.61 60.33 33.47
C VAL A 89 5.73 59.27 32.37
N GLU A 90 4.76 59.27 31.43
CA GLU A 90 4.69 58.36 30.29
C GLU A 90 5.86 58.53 29.33
N LYS A 91 6.24 59.79 29.02
CA LYS A 91 7.35 60.12 28.13
C LYS A 91 8.65 59.52 28.64
N VAL A 92 8.93 59.68 29.94
CA VAL A 92 10.12 59.16 30.60
C VAL A 92 10.03 57.63 30.74
N GLY A 93 8.93 57.14 31.32
CA GLY A 93 8.68 55.71 31.51
C GLY A 93 8.92 54.85 30.27
N MSE A 94 8.51 55.38 29.10
CA MSE A 94 8.68 54.71 27.82
C MSE A 94 10.15 54.61 27.44
O MSE A 94 10.59 53.55 26.99
CB MSE A 94 7.88 55.44 26.73
CG MSE A 94 7.99 54.82 25.35
SE MSE A 94 7.12 53.12 25.17
CE MSE A 94 5.27 53.65 25.39
N LYS A 95 10.92 55.71 27.63
CA LYS A 95 12.36 55.76 27.33
C LYS A 95 13.10 54.83 28.28
N LYS A 96 12.78 54.96 29.59
CA LYS A 96 13.35 54.18 30.67
C LYS A 96 13.01 52.70 30.55
N PHE A 97 11.90 52.34 29.89
CA PHE A 97 11.55 50.94 29.67
C PHE A 97 12.50 50.36 28.64
N LEU A 98 12.67 51.05 27.49
CA LEU A 98 13.54 50.62 26.40
C LEU A 98 15.03 50.59 26.78
N GLU A 99 15.39 51.37 27.82
CA GLU A 99 16.73 51.44 28.40
C GLU A 99 16.96 50.14 29.19
N TRP A 100 16.02 49.80 30.09
CA TRP A 100 16.01 48.60 30.92
C TRP A 100 16.02 47.34 30.07
N MSE A 101 15.38 47.41 28.90
CA MSE A 101 15.28 46.33 27.93
C MSE A 101 16.65 45.92 27.42
O MSE A 101 16.92 44.73 27.39
CB MSE A 101 14.38 46.76 26.76
CG MSE A 101 12.91 46.64 27.07
SE MSE A 101 12.29 44.78 27.01
CE MSE A 101 11.75 44.56 28.89
N ASN A 102 17.51 46.89 27.05
CA ASN A 102 18.86 46.60 26.58
C ASN A 102 19.71 46.05 27.73
N GLU A 103 19.49 46.58 28.95
CA GLU A 103 20.17 46.16 30.16
C GLU A 103 19.74 44.74 30.61
N ASN A 104 18.52 44.33 30.23
CA ASN A 104 17.98 43.03 30.62
C ASN A 104 17.47 42.22 29.42
N LYS A 105 18.23 42.25 28.30
CA LYS A 105 17.90 41.52 27.07
C LYS A 105 17.66 40.04 27.36
N LYS A 106 18.52 39.45 28.23
CA LYS A 106 18.48 38.05 28.65
C LYS A 106 17.09 37.71 29.19
N TYR A 107 16.64 38.44 30.24
CA TYR A 107 15.34 38.26 30.90
C TYR A 107 14.15 38.43 29.96
N TYR A 108 14.22 39.43 29.06
CA TYR A 108 13.16 39.69 28.10
C TYR A 108 13.10 38.63 27.00
N LYS A 109 14.27 38.09 26.58
CA LYS A 109 14.38 37.02 25.59
C LYS A 109 13.68 35.75 26.08
N ILE A 110 13.78 35.49 27.42
CA ILE A 110 13.15 34.37 28.13
C ILE A 110 11.62 34.61 28.13
N PHE A 111 11.20 35.87 28.45
CA PHE A 111 9.80 36.29 28.47
C PHE A 111 9.09 36.03 27.14
N ILE A 112 9.82 36.07 26.04
CA ILE A 112 9.28 35.77 24.73
C ILE A 112 8.93 34.26 24.63
N GLU A 113 9.85 33.37 25.08
CA GLU A 113 9.67 31.91 25.09
C GLU A 113 8.39 31.52 25.87
N THR A 114 8.12 32.26 26.96
CA THR A 114 7.00 32.10 27.89
C THR A 114 5.66 31.96 27.21
N GLN A 115 5.39 32.81 26.19
CA GLN A 115 4.15 32.82 25.39
C GLN A 115 3.79 31.42 24.82
N VAL A 116 4.80 30.53 24.71
CA VAL A 116 4.67 29.18 24.18
C VAL A 116 4.88 28.10 25.27
N HIS A 117 5.82 28.32 26.21
CA HIS A 117 6.12 27.29 27.21
C HIS A 117 5.35 27.41 28.53
N ARG A 118 5.12 28.63 29.02
CA ARG A 118 4.33 28.87 30.23
C ARG A 118 3.35 30.01 29.93
N PRO A 119 2.38 29.82 29.00
CA PRO A 119 1.50 30.95 28.62
C PRO A 119 0.72 31.60 29.75
N ASP A 120 0.50 30.87 30.86
CA ASP A 120 -0.19 31.37 32.05
C ASP A 120 0.53 32.58 32.65
N ILE A 121 1.85 32.44 32.89
CA ILE A 121 2.64 33.51 33.49
C ILE A 121 2.90 34.64 32.47
N TYR A 122 2.82 34.34 31.15
CA TYR A 122 2.99 35.35 30.09
C TYR A 122 1.80 36.32 30.18
N LYS A 123 0.56 35.78 30.18
CA LYS A 123 -0.70 36.52 30.30
C LYS A 123 -0.74 37.28 31.62
N TRP A 124 -0.24 36.65 32.70
CA TRP A 124 -0.19 37.21 34.04
C TRP A 124 0.58 38.53 34.08
N HIS A 125 1.80 38.57 33.52
CA HIS A 125 2.66 39.76 33.51
C HIS A 125 1.94 40.97 32.94
N PHE A 126 1.39 40.85 31.72
CA PHE A 126 0.66 41.93 31.07
C PHE A 126 -0.56 42.34 31.87
N MSE A 127 -1.25 41.38 32.51
CA MSE A 127 -2.43 41.66 33.33
C MSE A 127 -2.08 42.41 34.61
O MSE A 127 -2.71 43.43 34.89
CB MSE A 127 -3.20 40.37 33.62
CG MSE A 127 -4.36 40.17 32.67
SE MSE A 127 -5.07 38.35 32.65
CE MSE A 127 -5.31 38.06 34.64
N LYS A 128 -1.06 41.95 35.36
CA LYS A 128 -0.59 42.59 36.59
C LYS A 128 -0.10 44.00 36.28
N LEU A 129 0.66 44.15 35.17
CA LEU A 129 1.22 45.41 34.69
C LEU A 129 0.11 46.38 34.31
N ALA A 130 -0.93 45.91 33.59
CA ALA A 130 -2.07 46.73 33.17
C ALA A 130 -2.93 47.16 34.36
N GLU A 131 -3.09 46.30 35.38
CA GLU A 131 -3.88 46.61 36.59
C GLU A 131 -3.29 47.78 37.37
N ARG A 132 -1.95 47.84 37.44
CA ARG A 132 -1.19 48.90 38.11
C ARG A 132 -1.20 50.17 37.24
N TYR A 133 -1.24 49.99 35.91
CA TYR A 133 -1.24 51.06 34.92
C TYR A 133 -2.59 51.77 34.88
N THR A 134 -3.70 51.00 34.86
CA THR A 134 -5.07 51.50 34.80
C THR A 134 -5.35 52.46 35.95
N THR A 135 -5.19 52.01 37.21
CA THR A 135 -5.41 52.81 38.42
C THR A 135 -4.61 54.13 38.42
N GLY A 136 -3.48 54.15 37.74
CA GLY A 136 -2.63 55.34 37.60
C GLY A 136 -3.09 56.30 36.53
N LEU A 137 -3.52 55.75 35.38
CA LEU A 137 -4.00 56.54 34.25
C LEU A 137 -5.37 57.13 34.58
N SER A 138 -6.28 56.30 35.14
CA SER A 138 -7.65 56.67 35.50
C SER A 138 -7.67 57.84 36.48
N GLU A 139 -6.75 57.83 37.47
CA GLU A 139 -6.62 58.89 38.47
C GLU A 139 -6.19 60.18 37.76
N ALA A 140 -5.23 60.08 36.82
CA ALA A 140 -4.71 61.18 36.03
C ALA A 140 -5.71 61.73 35.01
N MSE A 141 -6.77 60.95 34.72
CA MSE A 141 -7.84 61.36 33.82
C MSE A 141 -8.80 62.25 34.59
O MSE A 141 -9.33 63.22 34.03
CB MSE A 141 -8.58 60.15 33.29
CG MSE A 141 -7.85 59.46 32.17
SE MSE A 141 -8.90 58.03 31.46
CE MSE A 141 -7.51 57.20 30.40
N ARG A 142 -9.05 61.89 35.87
CA ARG A 142 -9.91 62.64 36.79
C ARG A 142 -9.26 64.02 37.05
N ARG A 143 -7.92 64.07 37.04
CA ARG A 143 -7.13 65.29 37.17
C ARG A 143 -7.17 66.08 35.84
N GLY A 144 -7.65 65.45 34.77
CA GLY A 144 -7.75 66.05 33.44
C GLY A 144 -6.42 66.31 32.77
N GLU A 145 -5.41 65.44 33.03
CA GLU A 145 -4.06 65.52 32.48
C GLU A 145 -3.99 64.83 31.10
N ILE A 146 -4.54 63.61 31.02
CA ILE A 146 -4.63 62.78 29.83
C ILE A 146 -6.11 62.60 29.44
N ILE A 147 -6.36 62.30 28.15
CA ILE A 147 -7.71 62.09 27.58
C ILE A 147 -8.61 61.16 28.40
N ASN A 148 -9.94 61.41 28.40
CA ASN A 148 -10.94 60.57 29.05
C ASN A 148 -11.39 59.47 28.08
N VAL A 149 -10.69 58.33 28.16
CA VAL A 149 -10.90 57.10 27.39
C VAL A 149 -10.85 55.92 28.37
N ASP A 150 -11.40 54.74 27.99
CA ASP A 150 -11.38 53.53 28.81
C ASP A 150 -9.93 53.36 29.33
N PRO A 151 -9.67 53.51 30.65
CA PRO A 151 -8.27 53.47 31.12
C PRO A 151 -7.54 52.15 30.84
N GLU A 152 -8.26 51.01 30.94
CA GLU A 152 -7.73 49.68 30.65
C GLU A 152 -7.29 49.60 29.21
N LEU A 153 -8.11 50.13 28.27
CA LEU A 153 -7.79 50.17 26.84
C LEU A 153 -6.49 50.93 26.60
N LEU A 154 -6.36 52.13 27.21
CA LEU A 154 -5.19 52.98 27.08
C LEU A 154 -3.96 52.30 27.65
N SER A 155 -4.11 51.56 28.77
CA SER A 155 -3.03 50.80 29.43
C SER A 155 -2.41 49.83 28.41
N TYR A 156 -3.28 49.05 27.72
CA TYR A 156 -2.85 48.11 26.69
C TYR A 156 -2.29 48.83 25.47
N VAL A 157 -2.82 50.02 25.11
CA VAL A 157 -2.30 50.79 23.98
C VAL A 157 -0.84 51.14 24.25
N LEU A 158 -0.56 51.76 25.41
CA LEU A 158 0.80 52.14 25.80
C LEU A 158 1.72 50.94 25.99
N ILE A 159 1.22 49.87 26.67
CA ILE A 159 1.93 48.62 26.90
C ILE A 159 2.37 47.99 25.57
N GLY A 160 1.44 47.92 24.62
CA GLY A 160 1.68 47.35 23.29
C GLY A 160 2.70 48.08 22.47
N ILE A 161 2.84 49.41 22.70
CA ILE A 161 3.81 50.24 22.00
C ILE A 161 5.19 49.83 22.49
N ALA A 162 5.38 49.94 23.83
CA ALA A 162 6.61 49.61 24.53
C ALA A 162 7.13 48.24 24.13
N HIS A 163 6.24 47.23 24.22
CA HIS A 163 6.53 45.84 23.90
C HIS A 163 7.02 45.66 22.47
N MSE A 164 6.30 46.23 21.47
CA MSE A 164 6.65 46.14 20.05
C MSE A 164 7.96 46.86 19.73
O MSE A 164 8.77 46.31 18.98
CB MSE A 164 5.52 46.67 19.17
CG MSE A 164 5.78 46.57 17.67
SE MSE A 164 5.57 44.80 16.95
CE MSE A 164 7.41 44.36 16.69
N LEU A 165 8.18 48.06 20.29
CA LEU A 165 9.42 48.81 20.07
C LEU A 165 10.59 48.04 20.68
N GLY A 166 10.35 47.40 21.83
CA GLY A 166 11.30 46.54 22.52
C GLY A 166 11.71 45.37 21.66
N LYS A 167 10.79 44.87 20.82
CA LYS A 167 11.09 43.77 19.92
C LYS A 167 11.95 44.27 18.75
N ARG A 168 11.44 45.22 17.95
CA ARG A 168 12.13 45.77 16.78
C ARG A 168 13.44 46.51 17.09
N TYR A 169 13.47 47.38 18.12
CA TYR A 169 14.65 48.22 18.39
C TYR A 169 15.55 47.75 19.55
N VAL A 170 15.27 46.62 20.21
CA VAL A 170 16.14 46.12 21.27
C VAL A 170 16.50 44.64 20.99
N LEU A 171 15.51 43.78 20.70
CA LEU A 171 15.78 42.37 20.41
C LEU A 171 16.31 42.15 19.01
N TRP A 172 15.54 42.59 17.99
CA TRP A 172 15.79 42.39 16.57
C TRP A 172 16.99 43.17 16.03
N SER A 173 17.44 44.22 16.75
CA SER A 173 18.61 45.03 16.38
C SER A 173 19.20 45.64 17.65
N ASN A 174 20.52 45.49 17.84
CA ASN A 174 21.27 46.01 19.01
C ASN A 174 21.40 47.55 19.02
N SER A 175 21.09 48.18 17.87
CA SER A 175 21.13 49.61 17.58
C SER A 175 20.48 50.53 18.63
N GLY A 176 19.17 50.40 18.81
CA GLY A 176 18.41 51.24 19.71
C GLY A 176 17.72 52.37 18.96
N LEU A 177 17.30 53.42 19.68
CA LEU A 177 16.61 54.56 19.09
C LEU A 177 17.54 55.76 18.94
N THR A 178 17.66 56.30 17.71
CA THR A 178 18.48 57.48 17.41
C THR A 178 17.87 58.71 18.11
N LEU A 179 18.66 59.78 18.32
CA LEU A 179 18.10 60.97 18.97
C LEU A 179 16.86 61.48 18.25
N LYS A 180 16.83 61.40 16.90
CA LYS A 180 15.66 61.80 16.12
C LYS A 180 14.46 60.95 16.53
N GLN A 181 14.65 59.61 16.54
CA GLN A 181 13.64 58.61 16.91
C GLN A 181 13.17 58.75 18.36
N GLN A 182 14.08 59.14 19.27
CA GLN A 182 13.78 59.35 20.69
C GLN A 182 12.85 60.54 20.86
N ARG A 183 13.16 61.64 20.13
CA ARG A 183 12.41 62.90 20.10
C ARG A 183 11.04 62.70 19.44
N ASP A 184 11.01 61.95 18.33
CA ASP A 184 9.81 61.63 17.57
C ASP A 184 8.85 60.80 18.43
N LEU A 185 9.38 59.80 19.16
CA LEU A 185 8.59 58.95 20.07
C LEU A 185 8.02 59.80 21.20
N ASP A 186 8.84 60.72 21.73
CA ASP A 186 8.43 61.65 22.79
C ASP A 186 7.22 62.47 22.32
N LEU A 187 7.20 62.84 21.02
CA LEU A 187 6.11 63.58 20.40
C LEU A 187 4.85 62.69 20.25
N ILE A 188 5.00 61.45 19.74
CA ILE A 188 3.91 60.48 19.56
C ILE A 188 3.12 60.30 20.87
N ILE A 189 3.82 60.11 22.00
CA ILE A 189 3.21 59.95 23.31
C ILE A 189 2.52 61.25 23.75
N GLU A 190 3.14 62.41 23.48
CA GLU A 190 2.61 63.74 23.82
C GLU A 190 1.29 64.00 23.08
N ASN A 191 1.32 63.92 21.74
CA ASN A 191 0.19 64.11 20.84
C ASN A 191 -1.00 63.20 21.14
N MSE A 192 -0.72 61.96 21.52
CA MSE A 192 -1.71 60.93 21.79
C MSE A 192 -2.45 61.12 23.11
O MSE A 192 -3.61 60.75 23.19
CB MSE A 192 -1.03 59.57 21.75
CG MSE A 192 -1.95 58.37 21.76
SE MSE A 192 -1.12 56.94 22.80
CE MSE A 192 0.58 56.80 21.81
N LEU A 193 -1.75 61.60 24.16
CA LEU A 193 -2.35 61.73 25.49
C LEU A 193 -2.87 63.13 25.82
N THR A 194 -2.32 64.17 25.16
CA THR A 194 -2.71 65.57 25.39
C THR A 194 -4.12 65.85 24.86
N PRO A 195 -5.10 66.18 25.75
CA PRO A 195 -6.44 66.49 25.24
C PRO A 195 -6.49 67.78 24.42
N ARG A 196 -7.28 67.78 23.34
CA ARG A 196 -7.45 68.92 22.44
C ARG A 196 -8.52 69.86 22.98
N LYS B 12 -7.21 15.87 -4.02
CA LYS B 12 -6.62 16.93 -3.20
C LYS B 12 -7.16 16.93 -1.76
N GLU B 13 -8.32 16.27 -1.53
CA GLU B 13 -9.03 16.15 -0.27
C GLU B 13 -8.17 15.69 0.92
N SER B 14 -7.24 14.73 0.70
CA SER B 14 -6.37 14.18 1.76
C SER B 14 -5.45 15.23 2.37
N LEU B 15 -4.92 16.14 1.54
CA LEU B 15 -4.04 17.23 1.99
C LEU B 15 -4.88 18.21 2.81
N ASN B 16 -6.12 18.46 2.36
CA ASN B 16 -7.04 19.36 3.03
C ASN B 16 -7.56 18.78 4.34
N LYS B 17 -7.74 17.44 4.39
CA LYS B 17 -8.16 16.73 5.61
C LYS B 17 -7.06 16.90 6.66
N ILE B 18 -5.76 16.76 6.25
CA ILE B 18 -4.57 16.93 7.10
C ILE B 18 -4.53 18.36 7.63
N LEU B 19 -4.61 19.36 6.72
CA LEU B 19 -4.60 20.79 7.04
C LEU B 19 -5.69 21.22 8.02
N ASP B 20 -6.87 20.58 7.97
CA ASP B 20 -7.99 20.85 8.87
C ASP B 20 -7.81 20.05 10.15
N SER B 22 -4.94 19.70 12.29
CA SER B 22 -3.80 20.61 12.11
C SER B 22 -4.09 22.03 12.56
N VAL B 23 -4.98 22.76 11.85
CA VAL B 23 -5.33 24.13 12.23
C VAL B 23 -6.08 24.12 13.57
N GLU B 24 -7.11 23.25 13.67
CA GLU B 24 -7.92 23.05 14.87
C GLU B 24 -7.05 22.67 16.08
N LEU B 25 -6.11 21.73 15.86
CA LEU B 25 -5.24 21.19 16.90
C LEU B 25 -4.17 22.15 17.36
N ILE B 26 -3.40 22.75 16.45
CA ILE B 26 -2.31 23.68 16.81
C ILE B 26 -2.89 24.90 17.52
N ALA B 27 -4.04 25.45 17.05
CA ALA B 27 -4.66 26.61 17.71
C ALA B 27 -5.13 26.31 19.13
N ASP B 28 -5.68 25.12 19.38
CA ASP B 28 -6.14 24.72 20.70
C ASP B 28 -4.99 24.32 21.64
N LYS B 29 -4.23 23.24 21.33
CA LYS B 29 -3.20 22.72 22.24
C LYS B 29 -1.77 23.23 21.94
N GLY B 30 -1.56 23.93 20.84
CA GLY B 30 -0.24 24.47 20.51
C GLY B 30 0.64 23.47 19.78
N PHE B 31 1.52 24.00 18.90
CA PHE B 31 2.47 23.25 18.06
C PHE B 31 3.20 22.12 18.78
N LEU B 32 3.80 22.40 19.95
CA LEU B 32 4.49 21.39 20.73
C LEU B 32 3.55 20.24 21.10
N SER B 33 2.44 20.56 21.80
CA SER B 33 1.48 19.56 22.26
C SER B 33 0.74 18.83 21.12
N THR B 34 0.85 19.35 19.88
CA THR B 34 0.24 18.74 18.69
C THR B 34 1.24 17.77 18.04
N SER B 35 0.88 16.48 18.00
CA SER B 35 1.71 15.43 17.40
C SER B 35 1.24 15.09 15.97
N ILE B 36 2.06 14.32 15.21
CA ILE B 36 1.68 13.90 13.86
C ILE B 36 0.56 12.91 13.99
N ASN B 37 0.60 12.11 15.09
CA ASN B 37 -0.43 11.13 15.42
C ASN B 37 -1.75 11.85 15.66
N ASP B 38 -1.72 12.99 16.43
CA ASP B 38 -2.87 13.86 16.71
C ASP B 38 -3.49 14.33 15.39
N ILE B 39 -2.67 14.97 14.53
CA ILE B 39 -3.04 15.51 13.22
C ILE B 39 -3.66 14.44 12.30
N THR B 40 -2.92 13.34 12.04
CA THR B 40 -3.38 12.24 11.17
C THR B 40 -4.63 11.53 11.70
N SER B 41 -4.76 11.39 13.03
CA SER B 41 -5.91 10.77 13.67
C SER B 41 -7.16 11.60 13.41
N LYS B 42 -7.11 12.90 13.79
CA LYS B 42 -8.20 13.88 13.59
C LYS B 42 -8.64 13.91 12.13
N ALA B 43 -7.66 13.90 11.19
CA ALA B 43 -7.85 13.94 9.74
C ALA B 43 -8.46 12.66 9.18
N GLY B 44 -8.31 11.55 9.91
CA GLY B 44 -8.77 10.22 9.49
C GLY B 44 -7.98 9.80 8.27
N VAL B 45 -6.66 9.91 8.40
CA VAL B 45 -5.65 9.68 7.38
C VAL B 45 -4.49 8.92 8.02
N ALA B 46 -3.73 8.15 7.20
CA ALA B 46 -2.57 7.36 7.67
C ALA B 46 -1.43 8.23 8.19
N TYR B 47 -0.74 7.78 9.25
CA TYR B 47 0.39 8.50 9.85
C TYR B 47 1.37 8.95 8.77
N GLY B 48 1.86 7.98 7.98
CA GLY B 48 2.82 8.19 6.92
C GLY B 48 2.39 9.15 5.84
N LEU B 49 1.07 9.25 5.57
CA LEU B 49 0.53 10.16 4.56
C LEU B 49 0.86 11.62 4.87
N PHE B 50 1.12 11.94 6.15
CA PHE B 50 1.54 13.29 6.54
C PHE B 50 2.87 13.58 5.87
N TYR B 51 3.80 12.61 5.92
CA TYR B 51 5.13 12.76 5.36
C TYR B 51 5.16 12.67 3.84
N PHE B 52 4.10 12.14 3.21
CA PHE B 52 3.98 12.14 1.77
C PHE B 52 3.74 13.58 1.29
N TYR B 53 3.03 14.39 2.10
CA TYR B 53 2.71 15.80 1.81
C TYR B 53 3.66 16.80 2.48
N PHE B 54 4.26 16.47 3.64
CA PHE B 54 5.14 17.40 4.35
C PHE B 54 6.50 16.81 4.70
N LYS B 55 7.56 17.60 4.55
CA LYS B 55 8.94 17.17 4.82
C LYS B 55 9.14 16.86 6.31
N SER B 56 8.64 17.75 7.18
CA SER B 56 8.74 17.64 8.65
C SER B 56 7.58 18.39 9.33
N LYS B 57 7.37 18.14 10.64
CA LYS B 57 6.34 18.78 11.48
C LYS B 57 6.31 20.30 11.27
N HIS B 58 7.50 20.94 11.18
CA HIS B 58 7.67 22.38 11.02
C HIS B 58 7.18 22.90 9.68
N ASP B 59 7.20 22.07 8.65
CA ASP B 59 6.74 22.45 7.31
C ASP B 59 5.24 22.80 7.25
N ILE B 60 4.43 22.23 8.19
CA ILE B 60 2.99 22.49 8.28
C ILE B 60 2.76 23.94 8.70
N LEU B 61 3.62 24.50 9.57
CA LEU B 61 3.49 25.89 9.99
C LEU B 61 3.64 26.78 8.78
N ASP B 62 4.71 26.58 7.98
CA ASP B 62 4.98 27.34 6.76
C ASP B 62 3.75 27.40 5.89
N GLU B 63 3.12 26.24 5.63
CA GLU B 63 1.92 26.13 4.79
C GLU B 63 0.67 26.78 5.45
N ILE B 64 0.55 26.72 6.78
CA ILE B 64 -0.57 27.36 7.48
C ILE B 64 -0.38 28.88 7.38
N ILE B 65 0.82 29.39 7.75
CA ILE B 65 1.16 30.82 7.68
C ILE B 65 1.14 31.31 6.22
N ARG B 66 1.26 30.39 5.25
CA ARG B 66 1.19 30.73 3.83
C ARG B 66 -0.25 31.21 3.57
N GLN B 67 -1.27 30.45 4.07
CA GLN B 67 -2.70 30.76 3.97
C GLN B 67 -3.06 32.01 4.77
N PHE B 68 -2.50 32.14 6.00
CA PHE B 68 -2.71 33.25 6.93
C PHE B 68 -2.30 34.61 6.33
N ASN B 69 -1.17 34.66 5.59
CA ASN B 69 -0.69 35.88 4.95
C ASN B 69 -1.58 36.24 3.76
N ARG B 70 -2.01 35.22 3.00
CA ARG B 70 -2.91 35.37 1.84
C ARG B 70 -4.28 35.91 2.28
N ASN B 71 -4.92 35.22 3.25
CA ASN B 71 -6.24 35.56 3.79
C ASN B 71 -6.31 36.99 4.35
N MSE B 72 -5.26 37.43 5.05
CA MSE B 72 -5.21 38.75 5.69
C MSE B 72 -5.03 39.90 4.71
O MSE B 72 -5.94 40.72 4.58
CB MSE B 72 -4.15 38.79 6.79
CG MSE B 72 -4.40 39.90 7.79
SE MSE B 72 -3.03 39.92 9.14
CE MSE B 72 -1.60 40.78 8.10
N ARG B 73 -3.85 39.99 4.06
CA ARG B 73 -3.51 41.08 3.14
C ARG B 73 -4.56 41.35 2.08
N TYR B 74 -5.31 40.31 1.67
CA TYR B 74 -6.41 40.40 0.71
C TYR B 74 -7.60 41.15 1.35
N TYR B 75 -8.09 40.64 2.51
CA TYR B 75 -9.22 41.18 3.27
C TYR B 75 -8.96 42.60 3.80
N LEU B 76 -7.82 42.81 4.49
CA LEU B 76 -7.43 44.05 5.15
C LEU B 76 -7.26 45.26 4.21
N LYS B 77 -6.78 45.05 2.99
CA LYS B 77 -6.55 46.12 2.01
C LYS B 77 -7.80 46.55 1.22
N THR B 78 -8.89 45.77 1.31
CA THR B 78 -10.18 46.00 0.62
C THR B 78 -10.89 47.29 1.09
N TYR B 79 -10.76 47.62 2.38
CA TYR B 79 -11.44 48.76 3.02
C TYR B 79 -10.63 50.07 3.00
N THR B 80 -9.29 49.97 3.01
CA THR B 80 -8.34 51.11 3.03
C THR B 80 -8.01 51.64 1.62
N GLN B 81 -8.40 50.88 0.58
CA GLN B 81 -8.17 51.11 -0.84
C GLN B 81 -8.74 52.41 -1.46
N ASN B 82 -9.62 53.15 -0.74
CA ASN B 82 -10.26 54.33 -1.36
C ASN B 82 -10.35 55.61 -0.52
N LEU B 83 -10.34 55.51 0.83
CA LEU B 83 -10.49 56.63 1.76
C LEU B 83 -9.57 57.84 1.49
N ASP B 84 -10.05 59.05 1.89
CA ASP B 84 -9.39 60.35 1.69
C ASP B 84 -8.19 60.61 2.65
N SER B 85 -8.42 60.93 3.94
CA SER B 85 -7.37 61.20 4.94
C SER B 85 -6.74 59.88 5.42
N ARG B 86 -5.42 59.85 5.61
CA ARG B 86 -4.71 58.66 6.09
C ARG B 86 -5.08 58.35 7.56
N ILE B 87 -5.53 59.37 8.32
CA ILE B 87 -6.01 59.21 9.69
C ILE B 87 -7.25 58.32 9.63
N ASP B 88 -8.16 58.60 8.66
CA ASP B 88 -9.37 57.80 8.42
C ASP B 88 -9.00 56.41 7.95
N VAL B 89 -7.88 56.27 7.22
CA VAL B 89 -7.36 54.97 6.75
C VAL B 89 -6.94 54.11 7.95
N GLU B 90 -6.20 54.71 8.91
CA GLU B 90 -5.72 54.03 10.13
C GLU B 90 -6.84 53.68 11.10
N LYS B 91 -7.79 54.62 11.32
CA LYS B 91 -8.96 54.47 12.19
C LYS B 91 -9.79 53.28 11.75
N VAL B 92 -10.03 53.18 10.43
CA VAL B 92 -10.78 52.09 9.81
C VAL B 92 -9.93 50.81 9.82
N GLY B 93 -8.70 50.90 9.32
CA GLY B 93 -7.73 49.80 9.24
C GLY B 93 -7.57 49.02 10.51
N MSE B 94 -7.54 49.73 11.66
CA MSE B 94 -7.44 49.18 13.01
C MSE B 94 -8.70 48.38 13.32
O MSE B 94 -8.59 47.23 13.74
CB MSE B 94 -7.28 50.33 14.00
CG MSE B 94 -7.15 49.87 15.44
SE MSE B 94 -5.37 49.27 15.93
CE MSE B 94 -4.44 51.02 15.95
N LYS B 95 -9.88 49.01 13.11
CA LYS B 95 -11.20 48.42 13.34
C LYS B 95 -11.34 47.15 12.50
N LYS B 96 -10.99 47.22 11.20
CA LYS B 96 -11.05 46.10 10.27
C LYS B 96 -10.05 45.01 10.61
N PHE B 97 -8.93 45.36 11.28
CA PHE B 97 -7.95 44.37 11.69
C PHE B 97 -8.49 43.54 12.83
N LEU B 98 -8.85 44.20 13.93
CA LEU B 98 -9.41 43.56 15.13
C LEU B 98 -10.66 42.75 14.79
N GLU B 99 -11.39 43.17 13.76
CA GLU B 99 -12.58 42.49 13.25
C GLU B 99 -12.14 41.19 12.58
N TRP B 100 -11.15 41.28 11.65
CA TRP B 100 -10.61 40.14 10.90
C TRP B 100 -9.98 39.10 11.83
N MSE B 101 -9.20 39.57 12.82
CA MSE B 101 -8.49 38.74 13.76
C MSE B 101 -9.47 37.93 14.65
O MSE B 101 -9.13 36.82 15.06
CB MSE B 101 -7.43 39.59 14.52
CG MSE B 101 -7.43 39.44 16.02
SE MSE B 101 -5.79 38.66 16.74
CE MSE B 101 -4.61 40.17 16.60
N ASN B 102 -10.71 38.43 14.87
CA ASN B 102 -11.73 37.70 15.62
C ASN B 102 -12.34 36.60 14.73
N GLU B 103 -12.44 36.88 13.43
CA GLU B 103 -12.96 35.97 12.42
C GLU B 103 -11.91 34.88 12.10
N ASN B 104 -10.62 35.16 12.37
CA ASN B 104 -9.50 34.26 12.10
C ASN B 104 -8.65 33.96 13.36
N LYS B 105 -9.31 33.82 14.52
CA LYS B 105 -8.71 33.55 15.84
C LYS B 105 -7.69 32.41 15.80
N LYS B 106 -8.02 31.31 15.07
CA LYS B 106 -7.19 30.11 14.93
C LYS B 106 -5.88 30.44 14.23
N TYR B 107 -5.96 31.04 13.02
CA TYR B 107 -4.80 31.40 12.22
C TYR B 107 -3.85 32.31 12.96
N TYR B 108 -4.34 33.22 13.82
CA TYR B 108 -3.46 34.09 14.58
C TYR B 108 -2.81 33.36 15.71
N LYS B 109 -3.57 32.50 16.42
CA LYS B 109 -3.05 31.68 17.52
C LYS B 109 -1.84 30.83 17.05
N ILE B 110 -1.92 30.33 15.77
CA ILE B 110 -0.87 29.55 15.12
C ILE B 110 0.29 30.48 14.78
N PHE B 111 -0.02 31.68 14.26
CA PHE B 111 1.00 32.69 13.96
C PHE B 111 1.80 33.04 15.22
N ILE B 112 1.15 33.07 16.39
CA ILE B 112 1.79 33.33 17.67
C ILE B 112 2.85 32.25 17.97
N GLU B 113 2.52 30.96 17.66
CA GLU B 113 3.41 29.81 17.87
C GLU B 113 4.72 29.92 17.08
N THR B 114 4.70 30.69 15.98
CA THR B 114 5.83 30.93 15.08
C THR B 114 7.02 31.57 15.80
N GLN B 115 6.83 32.60 16.65
CA GLN B 115 7.91 33.30 17.39
C GLN B 115 8.95 32.37 18.07
N VAL B 116 8.57 31.13 18.39
CA VAL B 116 9.46 30.15 19.01
C VAL B 116 9.85 29.03 18.01
N HIS B 117 8.85 28.50 17.27
CA HIS B 117 9.04 27.35 16.38
C HIS B 117 9.58 27.66 14.97
N ARG B 118 9.31 28.85 14.42
CA ARG B 118 9.83 29.29 13.12
C ARG B 118 10.07 30.81 13.20
N PRO B 119 10.95 31.29 14.12
CA PRO B 119 11.12 32.74 14.34
C PRO B 119 11.38 33.61 13.13
N ASP B 120 12.00 33.06 12.06
CA ASP B 120 12.32 33.81 10.85
C ASP B 120 11.08 34.30 10.12
N ILE B 121 9.99 33.53 10.18
CA ILE B 121 8.70 33.88 9.55
C ILE B 121 8.06 35.04 10.30
N TYR B 122 8.00 34.91 11.66
CA TYR B 122 7.44 35.88 12.59
C TYR B 122 8.08 37.24 12.35
N LYS B 123 9.41 37.31 12.46
CA LYS B 123 10.19 38.53 12.26
C LYS B 123 9.96 39.11 10.87
N TRP B 124 9.81 38.25 9.85
CA TRP B 124 9.56 38.67 8.48
C TRP B 124 8.17 39.28 8.32
N HIS B 125 7.13 38.68 8.95
CA HIS B 125 5.75 39.16 8.88
C HIS B 125 5.68 40.61 9.28
N PHE B 126 6.19 40.93 10.49
CA PHE B 126 6.22 42.27 11.06
C PHE B 126 7.02 43.26 10.24
N MSE B 127 8.16 42.82 9.67
CA MSE B 127 9.02 43.65 8.86
C MSE B 127 8.39 43.97 7.52
O MSE B 127 8.46 45.11 7.07
CB MSE B 127 10.38 43.00 8.67
CG MSE B 127 11.43 43.52 9.64
SE MSE B 127 12.87 42.25 9.86
CE MSE B 127 13.45 42.08 7.95
N LYS B 128 7.76 42.97 6.90
CA LYS B 128 7.07 43.12 5.63
C LYS B 128 5.81 43.99 5.79
N LEU B 129 5.16 43.87 6.97
CA LEU B 129 3.98 44.65 7.34
C LEU B 129 4.37 46.11 7.57
N ALA B 130 5.55 46.34 8.17
CA ALA B 130 6.11 47.68 8.41
C ALA B 130 6.42 48.39 7.10
N GLU B 131 6.86 47.64 6.08
CA GLU B 131 7.19 48.17 4.76
C GLU B 131 5.97 48.75 4.06
N ARG B 132 4.80 48.07 4.16
CA ARG B 132 3.53 48.54 3.60
C ARG B 132 3.05 49.79 4.34
N TYR B 133 3.25 49.81 5.67
CA TYR B 133 2.88 50.91 6.57
C TYR B 133 3.71 52.16 6.31
N THR B 134 5.06 52.07 6.43
CA THR B 134 6.01 53.17 6.24
C THR B 134 5.77 53.92 4.90
N THR B 135 5.53 53.16 3.81
CA THR B 135 5.26 53.64 2.45
C THR B 135 4.19 54.75 2.42
N GLY B 136 2.99 54.41 2.89
CA GLY B 136 1.85 55.32 2.95
C GLY B 136 2.00 56.41 4.01
N LEU B 137 2.59 56.08 5.18
CA LEU B 137 2.78 57.02 6.28
C LEU B 137 3.72 58.16 5.91
N SER B 138 4.90 57.82 5.32
CA SER B 138 5.91 58.78 4.86
C SER B 138 5.30 59.76 3.86
N GLU B 139 4.45 59.24 2.95
CA GLU B 139 3.74 59.97 1.91
C GLU B 139 2.83 61.08 2.52
N ALA B 140 1.78 60.69 3.26
CA ALA B 140 0.80 61.57 3.90
C ALA B 140 1.43 62.56 4.87
N MSE B 141 2.54 62.16 5.48
CA MSE B 141 3.33 62.95 6.42
C MSE B 141 3.88 64.19 5.69
O MSE B 141 3.73 65.30 6.18
CB MSE B 141 4.49 62.10 6.90
CG MSE B 141 4.84 62.28 8.33
SE MSE B 141 6.01 60.81 8.82
CE MSE B 141 7.49 61.10 7.54
N ARG B 142 4.50 63.96 4.49
CA ARG B 142 5.08 65.01 3.63
C ARG B 142 4.00 65.97 3.10
N ARG B 143 2.77 65.44 2.88
CA ARG B 143 1.59 66.21 2.46
C ARG B 143 1.12 67.12 3.62
N GLY B 144 1.34 66.68 4.86
CA GLY B 144 0.95 67.40 6.05
C GLY B 144 -0.31 66.85 6.69
N GLU B 145 -0.67 65.59 6.36
CA GLU B 145 -1.84 64.90 6.90
C GLU B 145 -1.55 64.32 8.29
N ILE B 146 -0.34 63.71 8.45
CA ILE B 146 0.16 63.03 9.65
C ILE B 146 1.35 63.78 10.28
N ILE B 147 1.46 63.69 11.63
CA ILE B 147 2.55 64.24 12.45
C ILE B 147 3.91 63.87 11.82
N ASN B 148 4.81 64.86 11.66
CA ASN B 148 6.11 64.59 11.06
C ASN B 148 7.06 63.89 12.03
N VAL B 149 7.11 62.57 11.92
CA VAL B 149 7.93 61.69 12.75
C VAL B 149 8.68 60.68 11.87
N ASP B 150 9.41 59.74 12.48
CA ASP B 150 10.12 58.71 11.74
C ASP B 150 9.03 57.76 11.22
N PRO B 151 8.88 57.61 9.87
CA PRO B 151 7.80 56.74 9.35
C PRO B 151 7.88 55.29 9.78
N GLU B 152 9.10 54.76 10.03
CA GLU B 152 9.30 53.39 10.49
C GLU B 152 8.93 53.24 11.97
N LEU B 153 9.32 54.24 12.81
CA LEU B 153 9.02 54.25 14.26
C LEU B 153 7.50 54.29 14.50
N LEU B 154 6.78 55.21 13.81
CA LEU B 154 5.32 55.36 13.90
C LEU B 154 4.64 54.09 13.41
N SER B 155 5.18 53.50 12.33
CA SER B 155 4.69 52.26 11.73
C SER B 155 4.67 51.14 12.77
N TYR B 156 5.74 51.02 13.59
CA TYR B 156 5.81 50.00 14.65
C TYR B 156 4.89 50.34 15.82
N VAL B 157 4.62 51.65 16.04
CA VAL B 157 3.70 52.11 17.09
C VAL B 157 2.29 51.59 16.80
N LEU B 158 1.79 51.83 15.58
CA LEU B 158 0.47 51.37 15.16
C LEU B 158 0.40 49.84 15.02
N ILE B 159 1.52 49.18 14.71
CA ILE B 159 1.59 47.72 14.61
C ILE B 159 1.51 47.11 16.02
N GLY B 160 2.14 47.78 16.99
CA GLY B 160 2.14 47.35 18.38
C GLY B 160 0.76 47.45 19.02
N ILE B 161 0.09 48.61 18.84
CA ILE B 161 -1.26 48.90 19.35
C ILE B 161 -2.23 47.87 18.78
N ALA B 162 -2.14 47.58 17.48
CA ALA B 162 -3.00 46.60 16.83
C ALA B 162 -2.80 45.21 17.41
N HIS B 163 -1.54 44.77 17.58
CA HIS B 163 -1.16 43.46 18.10
C HIS B 163 -1.58 43.27 19.57
N MSE B 164 -1.38 44.28 20.42
CA MSE B 164 -1.72 44.23 21.84
C MSE B 164 -3.22 44.11 22.13
O MSE B 164 -3.63 43.27 22.92
CB MSE B 164 -1.13 45.42 22.59
CG MSE B 164 -1.15 45.27 24.12
SE MSE B 164 -0.23 43.69 24.84
CE MSE B 164 1.50 43.74 23.83
N LEU B 165 -4.02 44.99 21.49
CA LEU B 165 -5.47 44.97 21.66
C LEU B 165 -6.03 43.71 21.02
N GLY B 166 -5.33 43.20 20.02
CA GLY B 166 -5.68 41.95 19.35
C GLY B 166 -5.49 40.78 20.30
N LYS B 167 -4.41 40.85 21.11
CA LYS B 167 -4.11 39.83 22.12
C LYS B 167 -5.18 39.88 23.21
N ARG B 168 -5.17 40.98 23.98
CA ARG B 168 -6.05 41.24 25.10
C ARG B 168 -7.53 41.16 24.78
N TYR B 169 -8.02 41.87 23.76
CA TYR B 169 -9.45 41.89 23.52
C TYR B 169 -9.96 40.87 22.50
N VAL B 170 -9.10 40.12 21.81
CA VAL B 170 -9.64 39.11 20.89
C VAL B 170 -9.27 37.70 21.34
N LEU B 171 -7.98 37.46 21.60
CA LEU B 171 -7.52 36.13 22.00
C LEU B 171 -7.73 35.83 23.48
N TRP B 172 -7.26 36.72 24.36
CA TRP B 172 -7.35 36.54 25.81
C TRP B 172 -8.77 36.59 26.36
N SER B 173 -9.70 37.22 25.61
CA SER B 173 -11.11 37.32 25.93
C SER B 173 -11.88 37.29 24.60
N ASN B 174 -12.75 36.30 24.42
CA ASN B 174 -13.51 36.12 23.17
C ASN B 174 -14.48 37.28 22.84
N SER B 175 -14.69 38.18 23.82
CA SER B 175 -15.57 39.35 23.78
C SER B 175 -15.35 40.28 22.56
N GLY B 176 -14.27 41.06 22.59
CA GLY B 176 -13.94 42.05 21.57
C GLY B 176 -13.96 43.44 22.18
N LEU B 177 -14.09 44.47 21.34
CA LEU B 177 -14.15 45.84 21.83
C LEU B 177 -15.60 46.34 21.81
N THR B 178 -16.03 47.02 22.91
CA THR B 178 -17.40 47.58 22.96
C THR B 178 -17.46 48.77 22.01
N LEU B 179 -18.68 49.17 21.62
CA LEU B 179 -18.89 50.33 20.74
C LEU B 179 -18.27 51.58 21.37
N LYS B 180 -18.37 51.71 22.70
CA LYS B 180 -17.82 52.80 23.48
C LYS B 180 -16.28 52.76 23.37
N GLN B 181 -15.67 51.57 23.59
CA GLN B 181 -14.23 51.31 23.51
C GLN B 181 -13.68 51.60 22.12
N GLN B 182 -14.44 51.20 21.07
CA GLN B 182 -14.11 51.42 19.67
C GLN B 182 -13.95 52.92 19.39
N ARG B 183 -14.83 53.74 19.98
CA ARG B 183 -14.79 55.20 19.84
C ARG B 183 -13.57 55.77 20.55
N ASP B 184 -13.27 55.23 21.74
CA ASP B 184 -12.11 55.65 22.53
C ASP B 184 -10.83 55.39 21.74
N LEU B 185 -10.74 54.20 21.10
CA LEU B 185 -9.59 53.81 20.28
C LEU B 185 -9.50 54.71 19.05
N ASP B 186 -10.66 55.04 18.43
CA ASP B 186 -10.76 55.94 17.29
C ASP B 186 -10.21 57.31 17.67
N LEU B 187 -10.52 57.77 18.91
CA LEU B 187 -10.04 59.04 19.44
C LEU B 187 -8.51 59.03 19.64
N ILE B 188 -7.96 57.90 20.16
CA ILE B 188 -6.53 57.68 20.40
C ILE B 188 -5.74 57.79 19.08
N ILE B 189 -6.20 57.11 18.02
CA ILE B 189 -5.58 57.12 16.68
C ILE B 189 -5.59 58.55 16.09
N GLU B 190 -6.73 59.25 16.21
CA GLU B 190 -6.97 60.61 15.74
C GLU B 190 -6.06 61.61 16.46
N ASN B 191 -6.16 61.69 17.81
CA ASN B 191 -5.37 62.57 18.66
C ASN B 191 -3.87 62.48 18.39
N MSE B 192 -3.34 61.24 18.29
CA MSE B 192 -1.95 60.90 18.05
C MSE B 192 -1.43 61.36 16.69
O MSE B 192 -0.38 62.00 16.63
CB MSE B 192 -1.80 59.38 18.16
CG MSE B 192 -0.36 58.88 18.16
SE MSE B 192 -0.21 56.99 17.58
CE MSE B 192 -1.59 56.20 18.72
N LEU B 193 -2.15 61.02 15.61
CA LEU B 193 -1.74 61.28 14.24
C LEU B 193 -1.99 62.72 13.71
N THR B 194 -3.02 63.43 14.23
CA THR B 194 -3.38 64.79 13.79
C THR B 194 -2.32 65.81 14.25
N PRO B 195 -1.58 66.46 13.30
CA PRO B 195 -0.57 67.45 13.70
C PRO B 195 -1.18 68.66 14.38
N ARG B 196 -0.56 69.13 15.47
CA ARG B 196 -1.04 70.28 16.24
C ARG B 196 -0.68 71.60 15.53
N PRO C 6 -14.15 -39.27 -41.65
CA PRO C 6 -15.38 -39.43 -42.43
C PRO C 6 -15.65 -40.88 -42.83
N LYS C 7 -16.93 -41.25 -43.00
CA LYS C 7 -17.30 -42.62 -43.37
C LYS C 7 -17.91 -42.71 -44.77
N THR C 8 -19.13 -42.17 -44.94
CA THR C 8 -19.87 -42.16 -46.21
C THR C 8 -19.26 -41.12 -47.15
N GLU C 9 -19.56 -41.24 -48.46
CA GLU C 9 -19.16 -40.27 -49.48
C GLU C 9 -20.11 -39.06 -49.33
N LYS C 10 -21.28 -39.27 -48.67
CA LYS C 10 -22.28 -38.24 -48.38
C LYS C 10 -21.81 -37.40 -47.18
N GLY C 11 -21.17 -38.07 -46.22
CA GLY C 11 -20.60 -37.45 -45.03
C GLY C 11 -19.33 -36.70 -45.32
N LYS C 12 -18.42 -37.32 -46.11
CA LYS C 12 -17.14 -36.76 -46.56
C LYS C 12 -17.36 -35.52 -47.45
N GLU C 13 -18.55 -35.45 -48.10
CA GLU C 13 -19.01 -34.35 -48.96
C GLU C 13 -19.24 -33.11 -48.10
N SER C 14 -19.82 -33.31 -46.89
CA SER C 14 -20.10 -32.25 -45.94
C SER C 14 -18.85 -31.77 -45.19
N LEU C 15 -17.80 -32.63 -45.10
CA LEU C 15 -16.53 -32.27 -44.47
C LEU C 15 -15.83 -31.22 -45.36
N ASN C 16 -15.84 -31.43 -46.69
CA ASN C 16 -15.25 -30.51 -47.66
C ASN C 16 -16.06 -29.23 -47.82
N LYS C 17 -17.39 -29.28 -47.52
CA LYS C 17 -18.27 -28.10 -47.57
C LYS C 17 -17.79 -27.10 -46.51
N ILE C 18 -17.38 -27.62 -45.33
CA ILE C 18 -16.84 -26.89 -44.17
C ILE C 18 -15.46 -26.31 -44.50
N LEU C 19 -14.50 -27.17 -44.92
CA LEU C 19 -13.13 -26.78 -45.26
C LEU C 19 -13.03 -25.71 -46.33
N ASP C 20 -13.75 -25.90 -47.45
CA ASP C 20 -13.74 -24.96 -48.59
C ASP C 20 -14.48 -23.64 -48.27
N ALA C 21 -15.19 -23.59 -47.12
CA ALA C 21 -15.88 -22.40 -46.61
C ALA C 21 -14.97 -21.72 -45.57
N SER C 22 -14.21 -22.54 -44.80
CA SER C 22 -13.24 -22.09 -43.79
C SER C 22 -12.11 -21.34 -44.47
N VAL C 23 -11.51 -21.93 -45.52
CA VAL C 23 -10.43 -21.35 -46.32
C VAL C 23 -10.85 -19.98 -46.87
N GLU C 24 -12.08 -19.90 -47.42
CA GLU C 24 -12.64 -18.67 -47.99
C GLU C 24 -12.87 -17.54 -46.96
N LEU C 25 -13.06 -17.89 -45.67
CA LEU C 25 -13.31 -16.92 -44.60
C LEU C 25 -12.08 -16.53 -43.78
N ILE C 26 -11.27 -17.52 -43.38
CA ILE C 26 -10.03 -17.34 -42.59
C ILE C 26 -9.02 -16.49 -43.38
N ALA C 27 -8.89 -16.72 -44.69
CA ALA C 27 -7.98 -15.95 -45.53
C ALA C 27 -8.48 -14.52 -45.78
N ASP C 28 -9.81 -14.33 -45.85
CA ASP C 28 -10.42 -13.04 -46.09
C ASP C 28 -10.38 -12.10 -44.88
N LYS C 29 -11.15 -12.40 -43.82
CA LYS C 29 -11.26 -11.53 -42.65
C LYS C 29 -10.42 -11.99 -41.43
N GLY C 30 -9.59 -13.02 -41.60
CA GLY C 30 -8.73 -13.51 -40.53
C GLY C 30 -9.42 -14.50 -39.60
N PHE C 31 -8.63 -15.38 -38.98
CA PHE C 31 -9.12 -16.43 -38.06
C PHE C 31 -10.02 -15.92 -36.94
N LEU C 32 -9.61 -14.83 -36.26
CA LEU C 32 -10.34 -14.24 -35.14
C LEU C 32 -11.73 -13.72 -35.50
N SER C 33 -11.83 -12.94 -36.59
CA SER C 33 -13.09 -12.37 -37.07
C SER C 33 -14.04 -13.46 -37.62
N THR C 34 -13.46 -14.63 -38.00
CA THR C 34 -14.17 -15.81 -38.52
C THR C 34 -14.78 -16.62 -37.35
N SER C 35 -16.11 -16.85 -37.38
CA SER C 35 -16.81 -17.63 -36.35
C SER C 35 -17.29 -18.97 -36.90
N ILE C 36 -17.65 -19.93 -36.02
CA ILE C 36 -18.17 -21.23 -36.45
C ILE C 36 -19.51 -21.02 -37.15
N ASN C 37 -20.36 -20.12 -36.59
CA ASN C 37 -21.64 -19.74 -37.20
C ASN C 37 -21.41 -19.16 -38.59
N ASP C 38 -20.28 -18.43 -38.79
CA ASP C 38 -19.90 -17.85 -40.09
C ASP C 38 -19.50 -18.96 -41.07
N ILE C 39 -18.74 -19.98 -40.61
CA ILE C 39 -18.29 -21.10 -41.43
C ILE C 39 -19.46 -21.98 -41.86
N THR C 40 -20.23 -22.48 -40.87
CA THR C 40 -21.37 -23.37 -41.09
C THR C 40 -22.43 -22.75 -42.01
N SER C 41 -22.72 -21.43 -41.86
CA SER C 41 -23.68 -20.71 -42.71
C SER C 41 -23.19 -20.64 -44.16
N LYS C 42 -21.86 -20.42 -44.34
CA LYS C 42 -21.19 -20.37 -45.64
C LYS C 42 -21.25 -21.75 -46.30
N ALA C 43 -21.09 -22.82 -45.49
CA ALA C 43 -21.15 -24.21 -45.95
C ALA C 43 -22.62 -24.65 -46.15
N GLY C 44 -23.56 -23.86 -45.63
CA GLY C 44 -24.99 -24.10 -45.70
C GLY C 44 -25.41 -25.32 -44.89
N VAL C 45 -24.71 -25.54 -43.76
CA VAL C 45 -24.91 -26.66 -42.85
C VAL C 45 -25.39 -26.21 -41.44
N ALA C 46 -25.48 -27.18 -40.51
CA ALA C 46 -25.86 -26.98 -39.11
C ALA C 46 -24.64 -26.53 -38.33
N TYR C 47 -24.86 -25.80 -37.22
CA TYR C 47 -23.78 -25.29 -36.38
C TYR C 47 -22.86 -26.42 -35.89
N GLY C 48 -23.40 -27.34 -35.08
CA GLY C 48 -22.66 -28.44 -34.49
C GLY C 48 -21.89 -29.34 -35.43
N LEU C 49 -22.35 -29.45 -36.69
CA LEU C 49 -21.75 -30.29 -37.73
C LEU C 49 -20.27 -30.06 -37.89
N PHE C 50 -19.79 -28.82 -37.63
CA PHE C 50 -18.37 -28.45 -37.69
C PHE C 50 -17.60 -29.31 -36.68
N TYR C 51 -18.12 -29.38 -35.44
CA TYR C 51 -17.54 -30.13 -34.33
C TYR C 51 -17.66 -31.62 -34.50
N PHE C 52 -18.55 -32.08 -35.39
CA PHE C 52 -18.72 -33.50 -35.70
C PHE C 52 -17.53 -33.98 -36.54
N TYR C 53 -17.00 -33.09 -37.40
CA TYR C 53 -15.85 -33.38 -38.26
C TYR C 53 -14.53 -32.87 -37.70
N PHE C 54 -14.59 -31.87 -36.77
CA PHE C 54 -13.40 -31.25 -36.20
C PHE C 54 -13.40 -31.13 -34.67
N LYS C 55 -12.24 -31.44 -34.05
CA LYS C 55 -12.00 -31.43 -32.59
C LYS C 55 -12.39 -30.07 -31.97
N SER C 56 -11.71 -28.99 -32.39
CA SER C 56 -11.95 -27.62 -31.97
C SER C 56 -11.71 -26.68 -33.17
N LYS C 57 -12.07 -25.39 -33.03
CA LYS C 57 -11.90 -24.36 -34.07
C LYS C 57 -10.44 -24.29 -34.50
N HIS C 58 -9.52 -24.38 -33.53
CA HIS C 58 -8.08 -24.32 -33.80
C HIS C 58 -7.56 -25.50 -34.63
N ASP C 59 -8.28 -26.63 -34.63
CA ASP C 59 -7.88 -27.82 -35.39
C ASP C 59 -8.14 -27.70 -36.89
N ILE C 60 -9.01 -26.75 -37.33
CA ILE C 60 -9.27 -26.52 -38.75
C ILE C 60 -8.01 -25.96 -39.42
N LEU C 61 -7.22 -25.16 -38.66
CA LEU C 61 -5.95 -24.58 -39.10
C LEU C 61 -4.96 -25.71 -39.41
N ASP C 62 -4.88 -26.70 -38.49
CA ASP C 62 -3.99 -27.86 -38.60
C ASP C 62 -4.25 -28.67 -39.87
N GLU C 63 -5.54 -28.87 -40.24
CA GLU C 63 -5.91 -29.62 -41.44
C GLU C 63 -5.67 -28.82 -42.73
N ILE C 64 -5.99 -27.51 -42.74
CA ILE C 64 -5.78 -26.62 -43.88
C ILE C 64 -4.27 -26.55 -44.24
N ILE C 65 -3.41 -26.40 -43.23
CA ILE C 65 -1.95 -26.33 -43.41
C ILE C 65 -1.38 -27.72 -43.81
N ARG C 66 -2.03 -28.82 -43.37
CA ARG C 66 -1.64 -30.19 -43.75
C ARG C 66 -1.85 -30.38 -45.27
N GLN C 67 -2.99 -29.87 -45.79
CA GLN C 67 -3.35 -29.88 -47.21
C GLN C 67 -2.40 -28.97 -47.99
N PHE C 68 -2.15 -27.75 -47.46
CA PHE C 68 -1.23 -26.75 -48.01
C PHE C 68 0.19 -27.35 -48.19
N ASN C 69 0.68 -28.12 -47.18
CA ASN C 69 2.00 -28.78 -47.18
C ASN C 69 2.07 -29.89 -48.23
N ARG C 70 1.04 -30.75 -48.30
CA ARG C 70 0.97 -31.86 -49.26
C ARG C 70 0.78 -31.39 -50.71
N ASN C 71 -0.09 -30.37 -50.94
CA ASN C 71 -0.37 -29.80 -52.28
C ASN C 71 0.87 -29.17 -52.92
N MSE C 72 1.72 -28.50 -52.11
CA MSE C 72 2.93 -27.85 -52.56
C MSE C 72 4.05 -28.87 -52.80
O MSE C 72 4.78 -28.74 -53.79
CB MSE C 72 3.38 -26.78 -51.55
CG MSE C 72 4.18 -25.66 -52.19
SE MSE C 72 4.91 -24.42 -50.86
CE MSE C 72 6.39 -25.53 -50.23
N ARG C 73 4.19 -29.88 -51.90
CA ARG C 73 5.18 -30.97 -52.00
C ARG C 73 5.00 -31.74 -53.30
N TYR C 74 3.73 -32.01 -53.68
CA TYR C 74 3.38 -32.73 -54.90
C TYR C 74 3.49 -31.85 -56.16
N TYR C 75 3.05 -30.56 -56.11
CA TYR C 75 3.12 -29.62 -57.24
C TYR C 75 4.55 -29.36 -57.67
N LEU C 76 5.46 -29.15 -56.69
CA LEU C 76 6.88 -28.89 -56.96
C LEU C 76 7.59 -30.14 -57.47
N LYS C 77 7.17 -31.33 -56.99
CA LYS C 77 7.72 -32.64 -57.38
C LYS C 77 7.54 -32.88 -58.89
N THR C 78 6.36 -32.52 -59.44
CA THR C 78 6.02 -32.66 -60.86
C THR C 78 7.09 -32.09 -61.80
N TYR C 79 7.62 -30.90 -61.47
CA TYR C 79 8.62 -30.20 -62.29
C TYR C 79 10.09 -30.41 -61.86
N THR C 80 10.33 -31.09 -60.72
CA THR C 80 11.71 -31.32 -60.21
C THR C 80 12.13 -32.79 -60.14
N GLN C 81 11.16 -33.73 -60.07
CA GLN C 81 11.38 -35.19 -59.98
C GLN C 81 12.23 -35.67 -61.16
N ASN C 82 11.83 -35.25 -62.37
CA ASN C 82 12.47 -35.62 -63.63
C ASN C 82 13.53 -34.58 -64.04
N LEU C 83 14.64 -34.54 -63.29
CA LEU C 83 15.80 -33.66 -63.50
C LEU C 83 17.09 -34.37 -63.10
N ASP C 84 18.26 -33.77 -63.43
CA ASP C 84 19.57 -34.34 -63.10
C ASP C 84 20.44 -33.38 -62.31
N SER C 85 20.50 -32.10 -62.72
CA SER C 85 21.31 -31.07 -62.07
C SER C 85 20.58 -30.42 -60.90
N ARG C 86 21.19 -30.47 -59.68
CA ARG C 86 20.65 -29.89 -58.44
C ARG C 86 20.53 -28.36 -58.52
N ILE C 87 21.47 -27.71 -59.25
CA ILE C 87 21.49 -26.27 -59.49
C ILE C 87 20.21 -25.89 -60.26
N ASP C 88 19.84 -26.73 -61.26
CA ASP C 88 18.61 -26.56 -62.06
C ASP C 88 17.36 -26.97 -61.28
N VAL C 89 17.49 -27.89 -60.30
CA VAL C 89 16.38 -28.33 -59.44
C VAL C 89 15.89 -27.11 -58.64
N GLU C 90 16.85 -26.34 -58.07
CA GLU C 90 16.59 -25.13 -57.30
C GLU C 90 16.00 -24.01 -58.16
N LYS C 91 16.47 -23.87 -59.43
CA LYS C 91 16.02 -22.86 -60.40
C LYS C 91 14.54 -23.05 -60.71
N VAL C 92 14.14 -24.30 -61.05
CA VAL C 92 12.76 -24.68 -61.38
C VAL C 92 11.90 -24.59 -60.12
N GLY C 93 12.42 -25.14 -59.01
CA GLY C 93 11.78 -25.17 -57.70
C GLY C 93 11.36 -23.81 -57.20
N MSE C 94 12.22 -22.78 -57.39
CA MSE C 94 12.00 -21.40 -56.98
C MSE C 94 10.89 -20.73 -57.80
O MSE C 94 9.96 -20.16 -57.22
CB MSE C 94 13.32 -20.60 -57.07
CG MSE C 94 13.21 -19.15 -56.61
SE MSE C 94 13.17 -18.89 -54.68
CE MSE C 94 14.93 -19.60 -54.20
N LYS C 95 11.00 -20.79 -59.15
CA LYS C 95 10.06 -20.18 -60.09
C LYS C 95 8.65 -20.75 -60.01
N LYS C 96 8.52 -22.08 -59.86
CA LYS C 96 7.22 -22.74 -59.75
C LYS C 96 6.57 -22.56 -58.37
N PHE C 97 7.41 -22.33 -57.33
CA PHE C 97 6.99 -22.07 -55.95
C PHE C 97 6.20 -20.75 -55.92
N LEU C 98 6.76 -19.72 -56.58
CA LEU C 98 6.16 -18.39 -56.70
C LEU C 98 4.94 -18.42 -57.61
N GLU C 99 4.98 -19.29 -58.64
CA GLU C 99 3.89 -19.50 -59.60
C GLU C 99 2.68 -20.14 -58.90
N TRP C 100 2.95 -21.07 -57.95
CA TRP C 100 1.95 -21.80 -57.16
C TRP C 100 1.17 -20.87 -56.25
N MSE C 101 1.87 -19.93 -55.59
CA MSE C 101 1.27 -18.98 -54.66
C MSE C 101 0.51 -17.85 -55.32
O MSE C 101 -0.33 -17.24 -54.68
CB MSE C 101 2.32 -18.41 -53.70
CG MSE C 101 2.86 -19.43 -52.73
SE MSE C 101 4.23 -18.67 -51.61
CE MSE C 101 5.41 -17.94 -53.00
N ASN C 102 0.79 -17.57 -56.62
CA ASN C 102 0.07 -16.55 -57.37
C ASN C 102 -1.35 -17.06 -57.64
N GLU C 103 -1.48 -18.40 -57.80
CA GLU C 103 -2.73 -19.13 -57.99
C GLU C 103 -3.38 -19.34 -56.62
N ASN C 104 -2.59 -19.87 -55.65
CA ASN C 104 -3.02 -20.16 -54.28
C ASN C 104 -2.63 -19.03 -53.31
N LYS C 105 -3.26 -17.85 -53.47
CA LYS C 105 -3.03 -16.67 -52.61
C LYS C 105 -3.68 -16.87 -51.24
N LYS C 106 -4.93 -17.37 -51.22
CA LYS C 106 -5.72 -17.63 -50.02
C LYS C 106 -5.08 -18.67 -49.09
N TYR C 107 -4.44 -19.71 -49.65
CA TYR C 107 -3.75 -20.76 -48.90
C TYR C 107 -2.54 -20.27 -48.11
N TYR C 108 -1.75 -19.35 -48.70
CA TYR C 108 -0.56 -18.78 -48.07
C TYR C 108 -0.93 -17.76 -47.00
N LYS C 109 -2.07 -17.03 -47.19
CA LYS C 109 -2.62 -16.03 -46.25
C LYS C 109 -2.95 -16.67 -44.90
N ILE C 110 -3.48 -17.91 -44.92
CA ILE C 110 -3.83 -18.69 -43.73
C ILE C 110 -2.53 -19.14 -43.03
N PHE C 111 -1.47 -19.43 -43.82
CA PHE C 111 -0.16 -19.82 -43.28
C PHE C 111 0.51 -18.70 -42.48
N ILE C 112 0.09 -17.44 -42.72
CA ILE C 112 0.56 -16.24 -42.02
C ILE C 112 -0.15 -16.14 -40.64
N GLU C 113 -1.46 -16.50 -40.59
CA GLU C 113 -2.30 -16.52 -39.39
C GLU C 113 -1.85 -17.61 -38.42
N THR C 114 -1.19 -18.65 -38.96
CA THR C 114 -0.66 -19.82 -38.24
C THR C 114 0.44 -19.42 -37.25
N GLN C 115 1.33 -18.48 -37.62
CA GLN C 115 2.43 -17.97 -36.78
C GLN C 115 1.93 -17.49 -35.40
N VAL C 116 0.72 -16.91 -35.37
CA VAL C 116 0.08 -16.35 -34.19
C VAL C 116 -0.82 -17.39 -33.47
N HIS C 117 -1.70 -18.12 -34.20
CA HIS C 117 -2.65 -19.05 -33.59
C HIS C 117 -2.15 -20.46 -33.35
N ARG C 118 -1.38 -21.03 -34.29
CA ARG C 118 -0.83 -22.37 -34.13
C ARG C 118 0.68 -22.37 -34.45
N PRO C 119 1.54 -21.67 -33.65
CA PRO C 119 2.98 -21.65 -33.99
C PRO C 119 3.69 -23.01 -33.93
N ASP C 120 2.97 -24.05 -33.49
CA ASP C 120 3.46 -25.42 -33.41
C ASP C 120 3.55 -26.00 -34.83
N ILE C 121 2.45 -25.91 -35.61
CA ILE C 121 2.39 -26.38 -37.00
C ILE C 121 3.18 -25.42 -37.93
N TYR C 122 3.28 -24.13 -37.55
CA TYR C 122 4.03 -23.12 -38.32
C TYR C 122 5.53 -23.45 -38.33
N LYS C 123 6.11 -23.70 -37.14
CA LYS C 123 7.53 -24.05 -36.96
C LYS C 123 7.84 -25.44 -37.52
N TRP C 124 6.85 -26.35 -37.51
CA TRP C 124 6.95 -27.71 -38.04
C TRP C 124 7.18 -27.68 -39.55
N HIS C 125 6.44 -26.81 -40.28
CA HIS C 125 6.50 -26.66 -41.73
C HIS C 125 7.91 -26.34 -42.20
N PHE C 126 8.53 -25.30 -41.62
CA PHE C 126 9.89 -24.88 -41.95
C PHE C 126 10.93 -25.92 -41.54
N MSE C 127 10.68 -26.65 -40.43
CA MSE C 127 11.57 -27.71 -39.93
C MSE C 127 11.52 -28.98 -40.78
O MSE C 127 12.53 -29.68 -40.88
CB MSE C 127 11.32 -28.01 -38.46
CG MSE C 127 12.06 -27.10 -37.53
SE MSE C 127 12.36 -27.92 -35.81
CE MSE C 127 14.02 -26.98 -35.30
N LYS C 128 10.34 -29.29 -41.36
CA LYS C 128 10.14 -30.47 -42.23
C LYS C 128 10.51 -30.18 -43.68
N LEU C 129 10.36 -28.91 -44.12
CA LEU C 129 10.73 -28.46 -45.46
C LEU C 129 12.26 -28.46 -45.56
N ALA C 130 12.94 -28.17 -44.44
CA ALA C 130 14.40 -28.17 -44.33
C ALA C 130 14.92 -29.59 -44.36
N GLU C 131 14.15 -30.55 -43.83
CA GLU C 131 14.51 -31.98 -43.81
C GLU C 131 14.54 -32.58 -45.22
N ARG C 132 13.62 -32.12 -46.11
CA ARG C 132 13.54 -32.54 -47.52
C ARG C 132 14.74 -31.98 -48.30
N TYR C 133 15.13 -30.72 -47.99
CA TYR C 133 16.26 -30.00 -48.58
C TYR C 133 17.60 -30.58 -48.14
N THR C 134 17.83 -30.73 -46.81
CA THR C 134 19.06 -31.25 -46.17
C THR C 134 19.50 -32.60 -46.77
N THR C 135 18.56 -33.56 -46.91
CA THR C 135 18.81 -34.89 -47.48
C THR C 135 19.27 -34.79 -48.94
N GLY C 136 18.57 -33.95 -49.72
CA GLY C 136 18.86 -33.70 -51.12
C GLY C 136 20.15 -32.94 -51.37
N LEU C 137 20.54 -32.06 -50.43
CA LEU C 137 21.76 -31.26 -50.52
C LEU C 137 23.01 -32.10 -50.29
N SER C 138 23.04 -32.88 -49.18
CA SER C 138 24.16 -33.77 -48.77
C SER C 138 24.60 -34.73 -49.88
N GLU C 139 23.64 -35.19 -50.72
CA GLU C 139 23.87 -36.07 -51.87
C GLU C 139 24.65 -35.30 -52.95
N ALA C 140 24.23 -34.05 -53.22
CA ALA C 140 24.84 -33.16 -54.22
C ALA C 140 26.13 -32.48 -53.73
N MSE C 141 26.39 -32.49 -52.40
CA MSE C 141 27.60 -31.90 -51.78
C MSE C 141 28.85 -32.68 -52.21
O MSE C 141 29.83 -32.07 -52.65
CB MSE C 141 27.48 -31.89 -50.23
CG MSE C 141 26.46 -30.90 -49.67
SE MSE C 141 27.20 -29.22 -49.02
CE MSE C 141 25.57 -28.43 -48.34
N ARG C 142 28.80 -34.02 -52.09
CA ARG C 142 29.87 -34.95 -52.47
C ARG C 142 29.98 -35.14 -53.98
N ARG C 143 28.84 -34.99 -54.71
CA ARG C 143 28.76 -35.12 -56.18
C ARG C 143 29.43 -33.94 -56.91
N GLY C 144 29.70 -32.85 -56.20
CA GLY C 144 30.33 -31.66 -56.73
C GLY C 144 29.41 -30.73 -57.49
N GLU C 145 28.09 -30.96 -57.37
CA GLU C 145 27.05 -30.15 -58.03
C GLU C 145 26.94 -28.78 -57.36
N ILE C 146 26.69 -28.76 -56.03
CA ILE C 146 26.54 -27.55 -55.23
C ILE C 146 27.77 -27.30 -54.33
N ILE C 147 27.93 -26.06 -53.83
CA ILE C 147 29.06 -25.63 -52.98
C ILE C 147 29.14 -26.41 -51.66
N ASN C 148 30.37 -26.50 -51.08
CA ASN C 148 30.67 -27.21 -49.84
C ASN C 148 30.49 -26.33 -48.59
N VAL C 149 29.28 -26.39 -48.01
CA VAL C 149 28.86 -25.67 -46.79
C VAL C 149 28.08 -26.62 -45.86
N ASP C 150 27.39 -26.09 -44.83
CA ASP C 150 26.56 -26.91 -43.94
C ASP C 150 25.22 -27.18 -44.63
N PRO C 151 24.68 -28.42 -44.59
CA PRO C 151 23.41 -28.70 -45.28
C PRO C 151 22.19 -27.98 -44.69
N GLU C 152 22.08 -27.91 -43.35
CA GLU C 152 20.97 -27.24 -42.66
C GLU C 152 20.99 -25.73 -42.90
N LEU C 153 22.18 -25.11 -42.87
CA LEU C 153 22.40 -23.68 -43.10
C LEU C 153 21.92 -23.27 -44.51
N LEU C 154 22.37 -24.00 -45.54
CA LEU C 154 22.02 -23.76 -46.94
C LEU C 154 20.54 -24.04 -47.23
N SER C 155 19.92 -24.97 -46.46
CA SER C 155 18.49 -25.32 -46.59
C SER C 155 17.63 -24.11 -46.28
N TYR C 156 17.82 -23.50 -45.07
CA TYR C 156 17.10 -22.33 -44.60
C TYR C 156 17.38 -21.08 -45.45
N VAL C 157 18.62 -20.93 -45.98
CA VAL C 157 19.01 -19.82 -46.85
C VAL C 157 18.13 -19.80 -48.10
N LEU C 158 18.01 -20.97 -48.77
CA LEU C 158 17.17 -21.15 -49.96
C LEU C 158 15.69 -20.94 -49.62
N ILE C 159 15.26 -21.39 -48.41
CA ILE C 159 13.90 -21.25 -47.90
C ILE C 159 13.56 -19.76 -47.70
N GLY C 160 14.51 -19.03 -47.10
CA GLY C 160 14.40 -17.60 -46.80
C GLY C 160 14.23 -16.70 -48.00
N ILE C 161 14.89 -17.05 -49.13
CA ILE C 161 14.78 -16.30 -50.38
C ILE C 161 13.36 -16.52 -50.93
N ALA C 162 12.89 -17.78 -50.87
CA ALA C 162 11.57 -18.21 -51.33
C ALA C 162 10.44 -17.57 -50.51
N HIS C 163 10.58 -17.58 -49.17
CA HIS C 163 9.64 -17.04 -48.18
C HIS C 163 9.47 -15.52 -48.34
N MSE C 164 10.59 -14.78 -48.47
CA MSE C 164 10.63 -13.31 -48.63
C MSE C 164 10.00 -12.86 -49.94
O MSE C 164 9.12 -12.00 -49.92
CB MSE C 164 12.06 -12.77 -48.46
CG MSE C 164 12.14 -11.24 -48.36
SE MSE C 164 11.38 -10.44 -46.74
CE MSE C 164 9.80 -9.62 -47.52
N LEU C 165 10.46 -13.42 -51.08
CA LEU C 165 9.95 -13.09 -52.42
C LEU C 165 8.45 -13.33 -52.50
N GLY C 166 8.00 -14.38 -51.81
CA GLY C 166 6.60 -14.77 -51.69
C GLY C 166 5.72 -13.76 -51.00
N LYS C 167 6.31 -12.88 -50.19
CA LYS C 167 5.57 -11.83 -49.50
C LYS C 167 5.52 -10.59 -50.38
N ARG C 168 6.70 -10.10 -50.80
CA ARG C 168 6.89 -8.89 -51.59
C ARG C 168 6.27 -8.93 -52.99
N TYR C 169 6.65 -9.92 -53.81
CA TYR C 169 6.20 -9.99 -55.20
C TYR C 169 4.88 -10.77 -55.42
N VAL C 170 4.42 -11.56 -54.42
CA VAL C 170 3.19 -12.34 -54.55
C VAL C 170 2.03 -11.72 -53.74
N LEU C 171 2.17 -11.67 -52.39
CA LEU C 171 1.14 -11.18 -51.47
C LEU C 171 0.89 -9.68 -51.51
N TRP C 172 1.97 -8.88 -51.41
CA TRP C 172 1.87 -7.42 -51.32
C TRP C 172 1.60 -6.71 -52.65
N SER C 173 2.16 -7.21 -53.77
CA SER C 173 2.02 -6.56 -55.07
C SER C 173 0.99 -7.18 -56.03
N ASN C 174 0.95 -8.54 -56.14
CA ASN C 174 0.08 -9.31 -57.06
C ASN C 174 0.59 -9.23 -58.53
N SER C 175 1.43 -8.19 -58.84
CA SER C 175 2.05 -7.93 -60.14
C SER C 175 2.98 -9.06 -60.61
N GLY C 176 3.57 -9.78 -59.65
CA GLY C 176 4.48 -10.88 -59.91
C GLY C 176 5.86 -10.43 -60.33
N LEU C 177 6.66 -11.37 -60.87
CA LEU C 177 8.02 -11.10 -61.34
C LEU C 177 8.04 -10.91 -62.84
N THR C 178 8.82 -9.92 -63.33
CA THR C 178 8.98 -9.67 -64.75
C THR C 178 9.95 -10.70 -65.32
N LEU C 179 9.94 -10.87 -66.66
CA LEU C 179 10.83 -11.82 -67.36
C LEU C 179 12.32 -11.53 -67.12
N LYS C 180 12.67 -10.24 -66.92
CA LYS C 180 14.03 -9.80 -66.59
C LYS C 180 14.37 -10.25 -65.17
N GLN C 181 13.43 -10.04 -64.20
CA GLN C 181 13.55 -10.43 -62.79
C GLN C 181 13.63 -11.95 -62.63
N GLN C 182 12.88 -12.70 -63.47
CA GLN C 182 12.86 -14.18 -63.48
C GLN C 182 14.23 -14.73 -63.85
N ARG C 183 14.88 -14.13 -64.87
CA ARG C 183 16.22 -14.50 -65.34
C ARG C 183 17.30 -14.10 -64.35
N ASP C 184 17.22 -12.86 -63.81
CA ASP C 184 18.16 -12.30 -62.82
C ASP C 184 18.24 -13.16 -61.56
N LEU C 185 17.08 -13.69 -61.12
CA LEU C 185 16.93 -14.56 -59.95
C LEU C 185 17.69 -15.87 -60.14
N ASP C 186 17.55 -16.52 -61.33
CA ASP C 186 18.22 -17.76 -61.67
C ASP C 186 19.74 -17.62 -61.59
N LEU C 187 20.26 -16.46 -62.04
CA LEU C 187 21.68 -16.11 -62.01
C LEU C 187 22.23 -16.11 -60.58
N ILE C 188 21.43 -15.59 -59.61
CA ILE C 188 21.80 -15.53 -58.19
C ILE C 188 21.97 -16.96 -57.66
N ILE C 189 20.95 -17.82 -57.83
CA ILE C 189 20.92 -19.22 -57.39
C ILE C 189 22.08 -20.02 -58.02
N GLU C 190 22.34 -19.81 -59.34
CA GLU C 190 23.41 -20.46 -60.09
C GLU C 190 24.77 -20.08 -59.53
N ASN C 191 25.05 -18.76 -59.40
CA ASN C 191 26.29 -18.18 -58.86
C ASN C 191 26.61 -18.71 -57.46
N MSE C 192 25.57 -18.82 -56.62
CA MSE C 192 25.62 -19.26 -55.23
C MSE C 192 26.12 -20.70 -55.09
O MSE C 192 26.94 -20.97 -54.21
CB MSE C 192 24.20 -19.16 -54.64
CG MSE C 192 24.16 -18.91 -53.14
SE MSE C 192 22.36 -19.16 -52.41
CE MSE C 192 21.39 -17.80 -53.46
N LEU C 193 25.62 -21.60 -55.94
CA LEU C 193 25.91 -23.04 -55.87
C LEU C 193 27.01 -23.52 -56.85
N THR C 194 27.78 -22.59 -57.45
CA THR C 194 28.88 -22.92 -58.38
C THR C 194 30.18 -23.17 -57.58
N PRO C 195 30.69 -24.43 -57.47
CA PRO C 195 31.92 -24.67 -56.70
C PRO C 195 33.18 -24.14 -57.40
N ARG C 196 33.51 -22.86 -57.11
CA ARG C 196 34.65 -22.14 -57.67
C ARG C 196 35.92 -22.40 -56.86
N GLU D 13 8.21 4.63 -11.78
CA GLU D 13 8.67 3.25 -11.57
C GLU D 13 7.60 2.23 -11.98
N SER D 14 6.32 2.48 -11.61
CA SER D 14 5.21 1.59 -11.92
C SER D 14 5.01 1.41 -13.42
N LEU D 15 4.98 2.50 -14.20
CA LEU D 15 4.83 2.49 -15.66
C LEU D 15 5.95 1.70 -16.35
N ASN D 16 7.19 1.84 -15.86
CA ASN D 16 8.36 1.14 -16.39
C ASN D 16 8.36 -0.33 -15.95
N LYS D 17 7.90 -0.62 -14.72
CA LYS D 17 7.80 -1.99 -14.18
C LYS D 17 6.86 -2.84 -15.05
N ILE D 18 5.77 -2.23 -15.57
CA ILE D 18 4.77 -2.83 -16.45
C ILE D 18 5.46 -3.24 -17.76
N LEU D 19 5.97 -2.25 -18.53
CA LEU D 19 6.65 -2.44 -19.82
C LEU D 19 7.71 -3.54 -19.82
N ASP D 20 8.52 -3.64 -18.75
CA ASP D 20 9.55 -4.69 -18.61
C ASP D 20 8.90 -6.09 -18.62
N ALA D 21 7.87 -6.28 -17.77
CA ALA D 21 7.10 -7.53 -17.67
C ALA D 21 6.28 -7.79 -18.96
N SER D 22 5.73 -6.72 -19.54
CA SER D 22 4.91 -6.69 -20.76
C SER D 22 5.70 -7.20 -21.97
N VAL D 23 6.94 -6.72 -22.15
CA VAL D 23 7.83 -7.10 -23.26
C VAL D 23 8.24 -8.58 -23.09
N GLU D 24 8.73 -8.96 -21.89
CA GLU D 24 9.17 -10.32 -21.59
C GLU D 24 8.08 -11.39 -21.76
N LEU D 25 6.80 -11.03 -21.51
CA LEU D 25 5.67 -11.96 -21.66
C LEU D 25 5.15 -12.08 -23.10
N ILE D 26 4.98 -10.94 -23.80
CA ILE D 26 4.53 -10.91 -25.19
C ILE D 26 5.55 -11.62 -26.10
N ALA D 27 6.85 -11.55 -25.75
CA ALA D 27 7.92 -12.21 -26.50
C ALA D 27 7.78 -13.74 -26.42
N ASP D 28 7.65 -14.28 -25.18
CA ASP D 28 7.52 -15.71 -24.94
C ASP D 28 6.16 -16.30 -25.34
N LYS D 29 5.06 -15.69 -24.86
CA LYS D 29 3.70 -16.19 -25.06
C LYS D 29 2.94 -15.63 -26.27
N GLY D 30 3.22 -14.39 -26.65
CA GLY D 30 2.51 -13.75 -27.74
C GLY D 30 1.43 -12.83 -27.22
N PHE D 31 1.14 -11.76 -27.97
CA PHE D 31 0.16 -10.71 -27.64
C PHE D 31 -1.17 -11.23 -27.04
N LEU D 32 -1.81 -12.24 -27.69
CA LEU D 32 -3.09 -12.80 -27.22
C LEU D 32 -2.96 -13.64 -25.96
N SER D 33 -2.00 -14.59 -25.94
CA SER D 33 -1.74 -15.48 -24.80
C SER D 33 -1.19 -14.74 -23.56
N THR D 34 -1.09 -13.39 -23.64
CA THR D 34 -0.65 -12.51 -22.56
C THR D 34 -1.82 -11.59 -22.16
N SER D 35 -2.30 -11.73 -20.92
CA SER D 35 -3.41 -10.95 -20.36
C SER D 35 -2.89 -9.85 -19.47
N ILE D 36 -3.72 -8.81 -19.22
CA ILE D 36 -3.35 -7.71 -18.33
C ILE D 36 -3.04 -8.29 -16.94
N ASN D 37 -3.79 -9.33 -16.54
CA ASN D 37 -3.61 -10.09 -15.31
C ASN D 37 -2.22 -10.72 -15.24
N ASP D 38 -1.70 -11.25 -16.38
CA ASP D 38 -0.37 -11.85 -16.45
C ASP D 38 0.69 -10.76 -16.28
N ILE D 39 0.54 -9.64 -17.03
CA ILE D 39 1.45 -8.49 -17.05
C ILE D 39 1.63 -7.89 -15.65
N THR D 40 0.52 -7.41 -15.04
CA THR D 40 0.48 -6.78 -13.72
C THR D 40 1.06 -7.67 -12.61
N SER D 41 0.78 -8.99 -12.67
CA SER D 41 1.30 -9.94 -11.68
C SER D 41 2.80 -10.15 -11.83
N LYS D 42 3.32 -10.15 -13.08
CA LYS D 42 4.75 -10.30 -13.35
C LYS D 42 5.50 -9.02 -12.93
N ALA D 43 4.85 -7.86 -13.17
CA ALA D 43 5.37 -6.53 -12.83
C ALA D 43 5.30 -6.25 -11.32
N GLY D 44 4.46 -7.03 -10.61
CA GLY D 44 4.24 -6.89 -9.18
C GLY D 44 3.48 -5.61 -8.88
N VAL D 45 2.43 -5.37 -9.67
CA VAL D 45 1.62 -4.16 -9.61
C VAL D 45 0.11 -4.52 -9.69
N ALA D 46 -0.75 -3.62 -9.20
CA ALA D 46 -2.21 -3.78 -9.21
C ALA D 46 -2.77 -3.88 -10.62
N TYR D 47 -3.88 -4.66 -10.80
CA TYR D 47 -4.51 -4.83 -12.10
C TYR D 47 -4.94 -3.48 -12.69
N GLY D 48 -5.67 -2.70 -11.89
CA GLY D 48 -6.17 -1.38 -12.30
C GLY D 48 -5.10 -0.35 -12.61
N LEU D 49 -3.87 -0.59 -12.11
CA LEU D 49 -2.74 0.31 -12.37
C LEU D 49 -2.37 0.34 -13.85
N PHE D 50 -2.58 -0.80 -14.57
CA PHE D 50 -2.34 -0.87 -16.01
C PHE D 50 -3.23 0.13 -16.72
N TYR D 51 -4.52 0.14 -16.40
CA TYR D 51 -5.50 0.99 -17.04
C TYR D 51 -5.38 2.46 -16.65
N PHE D 52 -4.60 2.77 -15.59
CA PHE D 52 -4.32 4.14 -15.17
C PHE D 52 -3.34 4.76 -16.19
N TYR D 53 -2.36 3.96 -16.65
CA TYR D 53 -1.33 4.35 -17.61
C TYR D 53 -1.76 4.21 -19.07
N PHE D 54 -2.13 2.98 -19.47
CA PHE D 54 -2.57 2.65 -20.83
C PHE D 54 -4.07 2.54 -20.86
N LYS D 55 -4.71 3.22 -21.83
CA LYS D 55 -6.17 3.20 -21.93
C LYS D 55 -6.72 1.88 -22.50
N SER D 56 -5.84 1.10 -23.18
CA SER D 56 -6.17 -0.16 -23.81
C SER D 56 -4.98 -1.14 -23.83
N LYS D 57 -5.26 -2.44 -24.07
CA LYS D 57 -4.26 -3.51 -24.21
C LYS D 57 -3.58 -3.38 -25.58
N HIS D 58 -4.30 -2.84 -26.56
CA HIS D 58 -3.80 -2.60 -27.91
C HIS D 58 -2.74 -1.49 -27.84
N ASP D 59 -2.98 -0.48 -26.99
CA ASP D 59 -2.12 0.68 -26.78
C ASP D 59 -0.74 0.36 -26.22
N ILE D 60 -0.61 -0.72 -25.42
CA ILE D 60 0.71 -1.10 -24.88
C ILE D 60 1.58 -1.71 -26.00
N LEU D 61 0.95 -2.40 -26.98
CA LEU D 61 1.63 -3.00 -28.13
C LEU D 61 2.20 -1.88 -29.00
N ASP D 62 1.36 -0.86 -29.30
CA ASP D 62 1.71 0.33 -30.07
C ASP D 62 3.01 0.94 -29.53
N GLU D 63 3.11 1.07 -28.19
CA GLU D 63 4.27 1.61 -27.49
C GLU D 63 5.49 0.70 -27.54
N ILE D 64 5.30 -0.63 -27.49
CA ILE D 64 6.45 -1.56 -27.57
C ILE D 64 7.02 -1.49 -28.99
N ILE D 65 6.13 -1.46 -30.00
CA ILE D 65 6.48 -1.36 -31.42
C ILE D 65 7.16 -0.02 -31.70
N ARG D 66 6.66 1.09 -31.10
CA ARG D 66 7.24 2.44 -31.22
C ARG D 66 8.65 2.47 -30.65
N GLN D 67 8.88 1.72 -29.56
CA GLN D 67 10.17 1.58 -28.90
C GLN D 67 11.12 0.74 -29.74
N PHE D 68 10.60 -0.32 -30.40
CA PHE D 68 11.36 -1.21 -31.28
C PHE D 68 11.84 -0.46 -32.51
N ASN D 69 10.98 0.40 -33.09
CA ASN D 69 11.31 1.21 -34.26
C ASN D 69 12.44 2.20 -33.97
N ARG D 70 12.54 2.71 -32.70
CA ARG D 70 13.61 3.60 -32.25
C ARG D 70 14.95 2.85 -32.28
N ASN D 71 14.96 1.60 -31.74
CA ASN D 71 16.13 0.72 -31.66
C ASN D 71 16.63 0.27 -33.04
N MSE D 72 15.71 0.14 -34.01
CA MSE D 72 15.99 -0.26 -35.39
C MSE D 72 16.67 0.88 -36.15
O MSE D 72 17.67 0.65 -36.82
CB MSE D 72 14.72 -0.76 -36.09
CG MSE D 72 14.97 -1.51 -37.42
SE MSE D 72 16.09 -3.13 -37.32
CE MSE D 72 14.82 -4.47 -36.85
N ARG D 73 16.14 2.13 -36.02
CA ARG D 73 16.67 3.34 -36.66
C ARG D 73 18.10 3.64 -36.20
N TYR D 74 18.39 3.39 -34.91
CA TYR D 74 19.71 3.60 -34.28
C TYR D 74 20.76 2.67 -34.88
N TYR D 75 20.38 1.40 -35.16
CA TYR D 75 21.28 0.42 -35.78
C TYR D 75 21.53 0.80 -37.24
N LEU D 76 20.48 1.21 -37.97
CA LEU D 76 20.54 1.62 -39.38
C LEU D 76 21.36 2.91 -39.62
N LYS D 77 21.87 3.52 -38.54
CA LYS D 77 22.72 4.72 -38.59
C LYS D 77 24.16 4.34 -38.18
N THR D 78 24.93 3.81 -39.16
CA THR D 78 26.32 3.37 -39.03
C THR D 78 27.08 3.74 -40.29
N ILE D 87 31.71 -5.31 -51.30
CA ILE D 87 31.28 -6.71 -51.20
C ILE D 87 31.35 -7.16 -49.76
N ASP D 88 32.47 -6.84 -49.09
CA ASP D 88 32.79 -7.20 -47.70
C ASP D 88 31.80 -6.65 -46.68
N VAL D 89 31.09 -5.55 -47.03
CA VAL D 89 30.08 -4.90 -46.17
C VAL D 89 28.90 -5.87 -45.98
N GLU D 90 28.42 -6.48 -47.07
CA GLU D 90 27.29 -7.42 -47.06
C GLU D 90 27.66 -8.74 -46.37
N LYS D 91 28.97 -9.00 -46.20
CA LYS D 91 29.52 -10.19 -45.55
C LYS D 91 29.51 -10.04 -44.03
N VAL D 92 30.06 -8.91 -43.53
CA VAL D 92 30.19 -8.58 -42.11
C VAL D 92 28.88 -8.00 -41.53
N GLY D 93 28.24 -7.10 -42.28
CA GLY D 93 26.97 -6.47 -41.93
C GLY D 93 25.83 -7.47 -41.74
N MSE D 94 25.98 -8.66 -42.34
CA MSE D 94 25.06 -9.79 -42.26
C MSE D 94 25.21 -10.40 -40.86
O MSE D 94 24.21 -10.58 -40.16
CB MSE D 94 25.41 -10.84 -43.35
CG MSE D 94 24.60 -12.15 -43.27
SE MSE D 94 22.67 -11.93 -43.47
CE MSE D 94 22.60 -11.00 -45.22
N LYS D 95 26.45 -10.70 -40.45
CA LYS D 95 26.79 -11.27 -39.15
C LYS D 95 26.52 -10.27 -38.03
N LYS D 96 26.71 -8.96 -38.30
CA LYS D 96 26.46 -7.86 -37.36
C LYS D 96 24.97 -7.65 -37.10
N PHE D 97 24.11 -8.02 -38.08
CA PHE D 97 22.66 -7.93 -37.99
C PHE D 97 22.13 -9.04 -37.08
N LEU D 98 22.69 -10.25 -37.23
CA LEU D 98 22.32 -11.43 -36.43
C LEU D 98 22.85 -11.33 -35.01
N GLU D 99 23.98 -10.62 -34.82
CA GLU D 99 24.60 -10.34 -33.52
C GLU D 99 23.72 -9.34 -32.76
N TRP D 100 23.14 -8.38 -33.51
CA TRP D 100 22.22 -7.36 -33.00
C TRP D 100 20.88 -8.01 -32.65
N MSE D 101 20.42 -8.95 -33.51
CA MSE D 101 19.18 -9.70 -33.35
C MSE D 101 19.19 -10.53 -32.06
O MSE D 101 18.17 -10.60 -31.39
CB MSE D 101 18.90 -10.56 -34.58
CG MSE D 101 17.44 -11.04 -34.69
SE MSE D 101 16.80 -11.09 -36.54
CE MSE D 101 15.43 -12.45 -36.37
N ASN D 102 20.35 -11.13 -31.71
CA ASN D 102 20.51 -11.94 -30.50
C ASN D 102 20.46 -11.06 -29.24
N GLU D 103 20.92 -9.81 -29.35
CA GLU D 103 20.92 -8.84 -28.27
C GLU D 103 19.57 -8.13 -28.13
N ASN D 104 18.73 -8.21 -29.19
CA ASN D 104 17.40 -7.61 -29.22
C ASN D 104 16.30 -8.67 -29.44
N LYS D 105 16.58 -9.92 -28.98
CA LYS D 105 15.74 -11.11 -29.07
C LYS D 105 14.26 -10.87 -28.83
N LYS D 106 13.90 -10.40 -27.62
CA LYS D 106 12.54 -10.14 -27.16
C LYS D 106 11.78 -9.13 -28.04
N TYR D 107 12.47 -8.04 -28.45
CA TYR D 107 11.87 -6.98 -29.28
C TYR D 107 11.56 -7.42 -30.71
N TYR D 108 12.38 -8.32 -31.30
CA TYR D 108 12.12 -8.80 -32.66
C TYR D 108 10.96 -9.78 -32.70
N LYS D 109 10.83 -10.61 -31.64
CA LYS D 109 9.76 -11.59 -31.51
C LYS D 109 8.38 -10.89 -31.47
N ILE D 110 8.32 -9.71 -30.82
CA ILE D 110 7.10 -8.88 -30.75
C ILE D 110 6.83 -8.25 -32.14
N PHE D 111 7.90 -7.95 -32.89
CA PHE D 111 7.78 -7.39 -34.23
C PHE D 111 7.19 -8.43 -35.20
N ILE D 112 7.56 -9.71 -35.04
CA ILE D 112 7.04 -10.81 -35.87
C ILE D 112 5.52 -10.95 -35.69
N GLU D 113 5.03 -10.66 -34.48
CA GLU D 113 3.62 -10.69 -34.11
C GLU D 113 2.80 -9.61 -34.83
N THR D 114 3.46 -8.52 -35.31
CA THR D 114 2.81 -7.40 -36.01
C THR D 114 2.20 -7.81 -37.35
N GLN D 115 2.81 -8.80 -38.04
CA GLN D 115 2.36 -9.35 -39.34
C GLN D 115 0.85 -9.65 -39.38
N VAL D 116 0.30 -10.13 -38.24
CA VAL D 116 -1.10 -10.48 -38.05
C VAL D 116 -1.88 -9.29 -37.46
N HIS D 117 -1.37 -8.71 -36.34
CA HIS D 117 -2.01 -7.62 -35.60
C HIS D 117 -2.05 -6.29 -36.37
N ARG D 118 -0.88 -5.69 -36.68
CA ARG D 118 -0.83 -4.47 -37.48
C ARG D 118 0.05 -4.70 -38.72
N PRO D 119 -0.54 -5.26 -39.81
CA PRO D 119 0.26 -5.61 -40.99
C PRO D 119 0.99 -4.47 -41.70
N ASP D 120 0.53 -3.22 -41.48
CA ASP D 120 1.12 -2.01 -42.07
C ASP D 120 2.55 -1.78 -41.62
N ILE D 121 2.84 -2.05 -40.33
CA ILE D 121 4.18 -1.89 -39.73
C ILE D 121 5.15 -2.97 -40.24
N TYR D 122 4.67 -4.23 -40.36
CA TYR D 122 5.46 -5.35 -40.86
C TYR D 122 5.91 -5.09 -42.30
N LYS D 123 4.98 -4.62 -43.17
CA LYS D 123 5.24 -4.29 -44.58
C LYS D 123 6.22 -3.11 -44.70
N TRP D 124 5.93 -1.99 -43.99
CA TRP D 124 6.73 -0.77 -43.97
C TRP D 124 8.17 -1.03 -43.55
N HIS D 125 8.37 -1.83 -42.47
CA HIS D 125 9.70 -2.14 -41.95
C HIS D 125 10.59 -2.76 -43.00
N PHE D 126 10.09 -3.81 -43.69
CA PHE D 126 10.85 -4.48 -44.73
C PHE D 126 11.06 -3.60 -45.95
N MSE D 127 10.05 -2.78 -46.30
CA MSE D 127 10.11 -1.83 -47.42
C MSE D 127 11.14 -0.73 -47.20
O MSE D 127 11.84 -0.35 -48.14
CB MSE D 127 8.72 -1.26 -47.72
CG MSE D 127 7.89 -2.17 -48.60
SE MSE D 127 6.19 -1.39 -49.16
CE MSE D 127 6.86 0.22 -50.11
N LYS D 128 11.28 -0.25 -45.95
CA LYS D 128 12.28 0.76 -45.58
C LYS D 128 13.66 0.12 -45.51
N LEU D 129 13.73 -1.15 -45.08
CA LEU D 129 14.96 -1.94 -45.00
C LEU D 129 15.46 -2.22 -46.42
N ALA D 130 14.53 -2.29 -47.39
CA ALA D 130 14.82 -2.51 -48.81
C ALA D 130 15.40 -1.25 -49.45
N GLU D 131 14.81 -0.05 -49.17
CA GLU D 131 15.21 1.26 -49.69
C GLU D 131 16.68 1.59 -49.39
N ARG D 132 17.11 1.38 -48.14
CA ARG D 132 18.48 1.62 -47.67
C ARG D 132 19.46 0.61 -48.29
N TYR D 133 19.02 -0.64 -48.49
CA TYR D 133 19.78 -1.74 -49.09
C TYR D 133 20.02 -1.48 -50.59
N THR D 134 18.93 -1.26 -51.36
CA THR D 134 18.86 -1.02 -52.81
C THR D 134 19.82 0.09 -53.30
N THR D 135 19.77 1.28 -52.68
CA THR D 135 20.59 2.44 -53.04
C THR D 135 22.09 2.15 -52.86
N GLY D 136 22.45 1.46 -51.78
CA GLY D 136 23.82 1.06 -51.49
C GLY D 136 24.29 -0.10 -52.34
N LEU D 137 23.33 -0.88 -52.87
CA LEU D 137 23.57 -2.04 -53.74
C LEU D 137 23.83 -1.64 -55.20
N SER D 138 23.06 -0.65 -55.71
CA SER D 138 23.19 -0.15 -57.10
C SER D 138 24.51 0.58 -57.37
N GLU D 139 25.16 1.12 -56.31
CA GLU D 139 26.46 1.79 -56.40
C GLU D 139 27.59 0.77 -56.60
N ALA D 140 27.52 -0.38 -55.89
CA ALA D 140 28.49 -1.48 -55.98
C ALA D 140 28.42 -2.23 -57.32
N MSE D 141 27.23 -2.21 -57.98
CA MSE D 141 27.02 -2.83 -59.30
C MSE D 141 27.78 -2.05 -60.36
O MSE D 141 28.42 -2.64 -61.23
CB MSE D 141 25.52 -2.90 -59.65
CG MSE D 141 24.72 -3.88 -58.81
SE MSE D 141 23.04 -4.49 -59.61
CE MSE D 141 22.04 -2.78 -59.65
N ARG D 142 27.74 -0.69 -60.27
CA ARG D 142 28.43 0.26 -61.16
C ARG D 142 29.95 0.12 -61.03
N ARG D 143 30.44 -0.02 -59.78
CA ARG D 143 31.86 -0.17 -59.44
C ARG D 143 32.46 -1.51 -59.91
N GLY D 144 31.59 -2.50 -60.13
CA GLY D 144 31.99 -3.83 -60.58
C GLY D 144 32.26 -4.78 -59.42
N GLU D 145 31.80 -4.41 -58.20
CA GLU D 145 31.96 -5.20 -56.98
C GLU D 145 31.04 -6.43 -57.02
N ILE D 146 29.75 -6.21 -57.35
CA ILE D 146 28.70 -7.22 -57.41
C ILE D 146 28.07 -7.35 -58.81
N ILE D 147 27.54 -8.54 -59.13
CA ILE D 147 26.92 -8.86 -60.43
C ILE D 147 25.65 -8.04 -60.68
N ASN D 148 25.45 -7.61 -61.94
CA ASN D 148 24.30 -6.83 -62.37
C ASN D 148 23.02 -7.68 -62.40
N VAL D 149 22.06 -7.29 -61.55
CA VAL D 149 20.73 -7.89 -61.39
C VAL D 149 19.75 -6.75 -61.04
N ASP D 150 18.50 -7.08 -60.65
CA ASP D 150 17.54 -6.07 -60.23
C ASP D 150 17.96 -5.66 -58.81
N PRO D 151 18.14 -4.35 -58.53
CA PRO D 151 18.59 -3.95 -57.17
C PRO D 151 17.55 -4.20 -56.08
N GLU D 152 16.25 -4.07 -56.43
CA GLU D 152 15.11 -4.30 -55.54
C GLU D 152 15.02 -5.78 -55.14
N LEU D 153 15.29 -6.69 -56.10
CA LEU D 153 15.27 -8.14 -55.89
C LEU D 153 16.44 -8.60 -55.00
N LEU D 154 17.69 -8.25 -55.39
CA LEU D 154 18.91 -8.62 -54.69
C LEU D 154 18.90 -8.24 -53.21
N SER D 155 18.34 -7.06 -52.88
CA SER D 155 18.21 -6.58 -51.51
C SER D 155 17.31 -7.52 -50.69
N TYR D 156 16.11 -7.87 -51.21
CA TYR D 156 15.14 -8.77 -50.58
C TYR D 156 15.69 -10.18 -50.37
N VAL D 157 16.62 -10.62 -51.25
CA VAL D 157 17.29 -11.92 -51.16
C VAL D 157 18.14 -11.91 -49.87
N LEU D 158 18.91 -10.82 -49.65
CA LEU D 158 19.75 -10.63 -48.46
C LEU D 158 18.91 -10.40 -47.19
N ILE D 159 17.77 -9.69 -47.30
CA ILE D 159 16.83 -9.42 -46.20
C ILE D 159 16.21 -10.75 -45.73
N GLY D 160 15.67 -11.52 -46.68
CA GLY D 160 15.06 -12.82 -46.46
C GLY D 160 16.00 -13.82 -45.81
N ILE D 161 17.27 -13.84 -46.26
CA ILE D 161 18.35 -14.69 -45.74
C ILE D 161 18.58 -14.41 -44.25
N ALA D 162 18.63 -13.10 -43.90
CA ALA D 162 18.83 -12.63 -42.53
C ALA D 162 17.62 -13.00 -41.65
N HIS D 163 16.39 -12.66 -42.12
CA HIS D 163 15.12 -12.92 -41.44
C HIS D 163 14.91 -14.41 -41.16
N MSE D 164 15.32 -15.28 -42.09
CA MSE D 164 15.18 -16.74 -41.94
C MSE D 164 16.24 -17.33 -41.02
O MSE D 164 15.89 -18.14 -40.16
CB MSE D 164 15.21 -17.43 -43.31
CG MSE D 164 14.79 -18.89 -43.27
SE MSE D 164 12.91 -19.12 -42.87
CE MSE D 164 13.09 -19.86 -41.08
N LEU D 165 17.52 -16.95 -41.19
CA LEU D 165 18.62 -17.46 -40.36
C LEU D 165 18.48 -17.01 -38.91
N GLY D 166 17.97 -15.78 -38.73
CA GLY D 166 17.69 -15.21 -37.42
C GLY D 166 16.50 -15.87 -36.76
N LYS D 167 15.51 -16.28 -37.58
CA LYS D 167 14.31 -16.98 -37.11
C LYS D 167 14.67 -18.36 -36.57
N ARG D 168 15.58 -19.08 -37.26
CA ARG D 168 15.99 -20.42 -36.89
C ARG D 168 17.16 -20.46 -35.89
N TYR D 169 18.33 -19.88 -36.23
CA TYR D 169 19.54 -19.93 -35.41
C TYR D 169 19.62 -18.91 -34.25
N VAL D 170 18.65 -17.98 -34.13
CA VAL D 170 18.66 -16.99 -33.06
C VAL D 170 17.34 -17.01 -32.25
N LEU D 171 16.18 -17.01 -32.96
CA LEU D 171 14.85 -16.95 -32.36
C LEU D 171 14.25 -18.31 -31.94
N TRP D 172 14.33 -19.34 -32.81
CA TRP D 172 13.78 -20.66 -32.48
C TRP D 172 14.76 -21.54 -31.70
N SER D 173 16.05 -21.13 -31.65
CA SER D 173 17.11 -21.82 -30.92
C SER D 173 18.05 -20.84 -30.23
N ASN D 174 18.27 -21.04 -28.92
CA ASN D 174 19.13 -20.21 -28.08
C ASN D 174 20.63 -20.38 -28.38
N SER D 175 21.00 -21.48 -29.08
CA SER D 175 22.37 -21.87 -29.44
C SER D 175 23.21 -20.78 -30.11
N GLY D 176 22.99 -20.54 -31.41
CA GLY D 176 23.72 -19.55 -32.19
C GLY D 176 24.03 -20.04 -33.59
N LEU D 177 25.23 -19.70 -34.11
CA LEU D 177 25.66 -20.07 -35.46
C LEU D 177 26.96 -20.91 -35.54
N THR D 178 27.96 -20.60 -34.68
CA THR D 178 29.31 -21.22 -34.61
C THR D 178 30.20 -20.77 -35.77
N LEU D 179 31.53 -20.63 -35.51
CA LEU D 179 32.55 -20.21 -36.48
C LEU D 179 32.64 -21.09 -37.73
N LYS D 180 32.20 -22.37 -37.62
CA LYS D 180 32.17 -23.34 -38.71
C LYS D 180 31.12 -22.94 -39.76
N GLN D 181 29.92 -22.54 -39.32
CA GLN D 181 28.81 -22.10 -40.17
C GLN D 181 28.95 -20.61 -40.55
N GLN D 182 29.61 -19.81 -39.68
CA GLN D 182 29.87 -18.37 -39.87
C GLN D 182 30.68 -18.16 -41.15
N ARG D 183 31.76 -18.95 -41.32
CA ARG D 183 32.65 -18.92 -42.48
C ARG D 183 31.90 -19.42 -43.72
N ASP D 184 31.05 -20.47 -43.54
CA ASP D 184 30.22 -21.07 -44.58
C ASP D 184 29.20 -20.06 -45.14
N LEU D 185 28.69 -19.16 -44.28
CA LEU D 185 27.73 -18.10 -44.65
C LEU D 185 28.39 -17.06 -45.55
N ASP D 186 29.64 -16.66 -45.23
CA ASP D 186 30.43 -15.69 -46.02
C ASP D 186 30.74 -16.26 -47.40
N LEU D 187 30.90 -17.60 -47.50
CA LEU D 187 31.13 -18.35 -48.73
C LEU D 187 29.86 -18.30 -49.62
N ILE D 188 28.66 -18.32 -48.99
CA ILE D 188 27.37 -18.23 -49.67
C ILE D 188 27.21 -16.81 -50.24
N ILE D 189 27.51 -15.77 -49.42
CA ILE D 189 27.43 -14.35 -49.77
C ILE D 189 28.39 -14.02 -50.94
N GLU D 190 29.65 -14.50 -50.86
CA GLU D 190 30.71 -14.31 -51.86
C GLU D 190 30.30 -14.83 -53.25
N ASN D 191 29.95 -16.13 -53.32
CA ASN D 191 29.55 -16.85 -54.54
C ASN D 191 28.44 -16.17 -55.33
N MSE D 192 27.36 -15.73 -54.64
CA MSE D 192 26.19 -15.11 -55.28
C MSE D 192 26.40 -13.61 -55.63
O MSE D 192 25.53 -13.04 -56.30
CB MSE D 192 24.92 -15.31 -54.43
CG MSE D 192 24.92 -14.62 -53.08
SE MSE D 192 23.13 -14.42 -52.38
CE MSE D 192 22.74 -12.67 -53.09
N LEU D 193 27.50 -12.99 -55.18
CA LEU D 193 27.75 -11.58 -55.46
C LEU D 193 28.98 -11.33 -56.35
N THR D 194 29.97 -12.24 -56.33
CA THR D 194 31.17 -12.13 -57.16
C THR D 194 31.04 -13.06 -58.40
N PRO D 195 31.22 -12.53 -59.63
CA PRO D 195 31.09 -13.40 -60.82
C PRO D 195 32.34 -14.22 -61.10
N ARG E 4 8.07 -6.66 31.02
CA ARG E 4 9.46 -6.98 30.70
C ARG E 4 10.46 -6.14 31.51
N ALA E 5 10.10 -4.87 31.83
CA ALA E 5 10.94 -3.96 32.61
C ALA E 5 10.22 -3.42 33.90
N PRO E 6 10.05 -4.24 34.97
CA PRO E 6 9.33 -3.77 36.15
C PRO E 6 10.20 -3.38 37.36
N LYS E 7 10.78 -2.16 37.36
CA LYS E 7 11.61 -1.70 38.49
C LYS E 7 10.82 -0.79 39.46
N THR E 8 10.59 0.49 39.12
CA THR E 8 9.81 1.44 39.95
C THR E 8 8.33 1.06 39.88
N GLU E 9 7.54 1.47 40.90
CA GLU E 9 6.10 1.26 40.92
C GLU E 9 5.42 2.11 39.82
N LYS E 10 6.09 3.21 39.38
CA LYS E 10 5.62 4.07 38.31
C LYS E 10 5.74 3.38 36.95
N GLY E 11 6.77 2.55 36.80
CA GLY E 11 7.00 1.74 35.61
C GLY E 11 5.96 0.63 35.53
N LYS E 12 5.66 0.03 36.69
CA LYS E 12 4.66 -1.02 36.88
C LYS E 12 3.26 -0.44 36.62
N GLU E 13 3.05 0.83 37.01
CA GLU E 13 1.81 1.58 36.81
C GLU E 13 1.59 1.82 35.32
N SER E 14 2.63 2.38 34.63
CA SER E 14 2.63 2.69 33.20
C SER E 14 2.51 1.45 32.31
N LEU E 15 3.16 0.33 32.68
CA LEU E 15 3.05 -0.93 31.93
C LEU E 15 1.58 -1.37 31.96
N ASN E 16 0.96 -1.29 33.15
CA ASN E 16 -0.45 -1.65 33.35
C ASN E 16 -1.41 -0.71 32.64
N LYS E 17 -1.08 0.60 32.54
CA LYS E 17 -1.89 1.59 31.81
C LYS E 17 -2.00 1.14 30.34
N ILE E 18 -0.85 0.68 29.77
CA ILE E 18 -0.71 0.16 28.40
C ILE E 18 -1.49 -1.14 28.23
N LEU E 19 -1.19 -2.15 29.08
CA LEU E 19 -1.79 -3.48 29.05
C LEU E 19 -3.30 -3.46 29.17
N ASP E 20 -3.85 -2.63 30.08
CA ASP E 20 -5.30 -2.49 30.27
C ASP E 20 -5.96 -1.94 29.00
N ALA E 21 -5.41 -0.84 28.44
CA ALA E 21 -5.92 -0.19 27.22
C ALA E 21 -5.93 -1.15 26.03
N SER E 22 -4.87 -1.99 25.90
CA SER E 22 -4.74 -3.00 24.85
C SER E 22 -5.86 -4.03 24.92
N VAL E 23 -6.19 -4.49 26.15
CA VAL E 23 -7.23 -5.48 26.46
C VAL E 23 -8.60 -5.01 25.98
N GLU E 24 -9.00 -3.76 26.32
CA GLU E 24 -10.28 -3.20 25.91
C GLU E 24 -10.37 -2.96 24.40
N LEU E 25 -9.29 -2.39 23.80
CA LEU E 25 -9.21 -2.06 22.37
C LEU E 25 -9.23 -3.27 21.44
N ILE E 26 -8.41 -4.31 21.71
CA ILE E 26 -8.35 -5.52 20.89
C ILE E 26 -9.68 -6.29 20.96
N ALA E 27 -10.33 -6.26 22.15
CA ALA E 27 -11.64 -6.89 22.37
C ALA E 27 -12.72 -6.19 21.56
N ASP E 28 -12.67 -4.85 21.52
CA ASP E 28 -13.63 -4.01 20.81
C ASP E 28 -13.49 -4.03 19.27
N LYS E 29 -12.25 -3.92 18.72
CA LYS E 29 -12.10 -3.84 17.26
C LYS E 29 -11.07 -4.81 16.62
N GLY E 30 -10.46 -5.69 17.41
CA GLY E 30 -9.50 -6.64 16.88
C GLY E 30 -8.08 -6.10 16.85
N PHE E 31 -7.10 -7.01 16.69
CA PHE E 31 -5.66 -6.74 16.66
C PHE E 31 -5.23 -5.84 15.52
N LEU E 32 -5.87 -5.96 14.35
CA LEU E 32 -5.53 -5.18 13.17
C LEU E 32 -5.97 -3.72 13.27
N SER E 33 -7.27 -3.49 13.56
CA SER E 33 -7.87 -2.17 13.67
C SER E 33 -7.35 -1.34 14.87
N THR E 34 -6.67 -2.00 15.82
CA THR E 34 -6.06 -1.36 16.99
C THR E 34 -4.61 -1.02 16.61
N SER E 35 -4.24 0.26 16.73
CA SER E 35 -2.89 0.73 16.42
C SER E 35 -2.13 1.02 17.70
N ILE E 36 -0.79 1.13 17.65
CA ILE E 36 0.01 1.48 18.84
C ILE E 36 -0.40 2.87 19.32
N ASN E 37 -0.84 3.76 18.39
CA ASN E 37 -1.35 5.07 18.76
C ASN E 37 -2.64 4.91 19.55
N ASP E 38 -3.54 4.00 19.12
CA ASP E 38 -4.78 3.72 19.84
C ASP E 38 -4.46 3.26 21.28
N ILE E 39 -3.53 2.29 21.42
CA ILE E 39 -3.09 1.76 22.71
C ILE E 39 -2.51 2.87 23.61
N THR E 40 -1.49 3.61 23.12
CA THR E 40 -0.81 4.66 23.90
C THR E 40 -1.70 5.87 24.19
N SER E 41 -2.60 6.24 23.25
CA SER E 41 -3.51 7.38 23.43
C SER E 41 -4.50 7.08 24.56
N LYS E 42 -5.17 5.90 24.49
CA LYS E 42 -6.10 5.44 25.52
C LYS E 42 -5.36 5.34 26.86
N ALA E 43 -4.13 4.78 26.86
CA ALA E 43 -3.30 4.63 28.05
C ALA E 43 -2.80 5.97 28.63
N GLY E 44 -2.77 6.99 27.78
CA GLY E 44 -2.34 8.34 28.15
C GLY E 44 -0.84 8.43 28.40
N VAL E 45 -0.07 7.62 27.66
CA VAL E 45 1.39 7.57 27.72
C VAL E 45 2.01 7.84 26.34
N ALA E 46 3.34 8.08 26.33
CA ALA E 46 4.16 8.33 25.13
C ALA E 46 4.02 7.19 24.12
N TYR E 47 4.07 7.50 22.81
CA TYR E 47 3.94 6.48 21.75
C TYR E 47 5.02 5.42 21.90
N GLY E 48 6.26 5.86 22.04
CA GLY E 48 7.43 5.01 22.18
C GLY E 48 7.45 4.14 23.41
N LEU E 49 6.75 4.57 24.49
CA LEU E 49 6.69 3.85 25.76
C LEU E 49 6.18 2.42 25.62
N PHE E 50 5.31 2.18 24.62
CA PHE E 50 4.78 0.84 24.33
C PHE E 50 5.95 -0.10 24.03
N TYR E 51 6.95 0.41 23.29
CA TYR E 51 8.10 -0.38 22.90
C TYR E 51 9.10 -0.58 24.03
N PHE E 52 9.10 0.30 25.04
CA PHE E 52 9.97 0.18 26.21
C PHE E 52 9.61 -1.06 27.04
N TYR E 53 8.33 -1.45 27.03
CA TYR E 53 7.82 -2.60 27.77
C TYR E 53 7.47 -3.80 26.86
N PHE E 54 7.29 -3.58 25.54
CA PHE E 54 6.90 -4.63 24.60
C PHE E 54 7.72 -4.56 23.31
N LYS E 55 8.52 -5.60 23.02
CA LYS E 55 9.41 -5.70 21.84
C LYS E 55 8.70 -5.45 20.51
N SER E 56 7.49 -6.03 20.36
CA SER E 56 6.63 -5.93 19.18
C SER E 56 5.16 -5.82 19.59
N LYS E 57 4.30 -5.35 18.67
CA LYS E 57 2.86 -5.22 18.84
C LYS E 57 2.27 -6.61 19.13
N HIS E 58 2.82 -7.65 18.47
CA HIS E 58 2.44 -9.05 18.63
C HIS E 58 2.62 -9.55 20.07
N ASP E 59 3.68 -9.07 20.76
CA ASP E 59 4.03 -9.46 22.12
C ASP E 59 3.04 -8.99 23.19
N ILE E 60 2.07 -8.09 22.84
CA ILE E 60 1.04 -7.68 23.80
C ILE E 60 0.02 -8.80 23.96
N LEU E 61 -0.24 -9.57 22.88
CA LEU E 61 -1.15 -10.71 22.90
C LEU E 61 -0.61 -11.78 23.86
N ASP E 62 0.73 -11.97 23.90
CA ASP E 62 1.41 -12.92 24.77
C ASP E 62 1.12 -12.62 26.24
N GLU E 63 1.23 -11.34 26.65
CA GLU E 63 0.98 -10.94 28.03
C GLU E 63 -0.53 -10.78 28.35
N ILE E 64 -1.39 -10.60 27.32
CA ILE E 64 -2.86 -10.51 27.53
C ILE E 64 -3.38 -11.92 27.84
N ILE E 65 -2.89 -12.93 27.10
CA ILE E 65 -3.21 -14.36 27.29
C ILE E 65 -2.69 -14.83 28.65
N ARG E 66 -1.41 -14.53 28.98
CA ARG E 66 -0.77 -14.87 30.26
C ARG E 66 -1.58 -14.38 31.46
N GLN E 67 -2.02 -13.11 31.43
CA GLN E 67 -2.82 -12.47 32.49
C GLN E 67 -4.20 -13.13 32.60
N PHE E 68 -4.85 -13.45 31.45
CA PHE E 68 -6.17 -14.08 31.41
C PHE E 68 -6.14 -15.53 31.87
N ASN E 69 -5.12 -16.30 31.44
CA ASN E 69 -4.87 -17.71 31.76
C ASN E 69 -4.64 -17.87 33.28
N ARG E 70 -3.73 -17.05 33.85
CA ARG E 70 -3.41 -17.05 35.28
C ARG E 70 -4.61 -16.67 36.15
N ASN E 71 -5.43 -15.70 35.70
CA ASN E 71 -6.62 -15.24 36.43
C ASN E 71 -7.80 -16.20 36.34
N MSE E 72 -7.81 -17.07 35.31
CA MSE E 72 -8.84 -18.11 35.16
C MSE E 72 -8.43 -19.31 36.02
O MSE E 72 -9.28 -19.92 36.67
CB MSE E 72 -8.99 -18.53 33.69
CG MSE E 72 -10.17 -19.47 33.45
SE MSE E 72 -10.08 -20.38 31.74
CE MSE E 72 -8.41 -21.35 31.96
N ARG E 73 -7.12 -19.65 36.01
CA ARG E 73 -6.53 -20.74 36.79
C ARG E 73 -6.74 -20.50 38.30
N TYR E 74 -6.58 -19.24 38.76
CA TYR E 74 -6.82 -18.83 40.15
C TYR E 74 -8.31 -18.92 40.48
N TYR E 75 -9.19 -18.45 39.55
CA TYR E 75 -10.65 -18.48 39.72
C TYR E 75 -11.15 -19.92 39.88
N LEU E 76 -10.55 -20.88 39.15
CA LEU E 76 -10.90 -22.29 39.23
C LEU E 76 -10.24 -23.00 40.42
N LYS E 77 -9.00 -22.59 40.79
CA LYS E 77 -8.25 -23.12 41.95
C LYS E 77 -8.98 -22.76 43.27
N THR E 78 -9.62 -21.57 43.32
CA THR E 78 -10.37 -21.05 44.48
C THR E 78 -11.57 -21.95 44.83
N TYR E 79 -12.39 -22.29 43.83
CA TYR E 79 -13.61 -23.09 43.98
C TYR E 79 -13.39 -24.62 44.03
N THR E 80 -12.11 -25.09 44.02
CA THR E 80 -11.79 -26.53 44.03
C THR E 80 -10.92 -27.03 45.21
N GLN E 81 -10.24 -26.11 45.95
CA GLN E 81 -9.38 -26.48 47.08
C GLN E 81 -10.10 -27.10 48.29
N ASN E 82 -11.41 -26.80 48.47
CA ASN E 82 -12.24 -27.27 49.59
C ASN E 82 -13.00 -28.59 49.33
N LEU E 83 -13.52 -28.76 48.09
CA LEU E 83 -14.36 -29.87 47.59
C LEU E 83 -14.08 -31.30 48.10
N ASP E 84 -15.15 -32.11 48.12
CA ASP E 84 -15.21 -33.52 48.54
C ASP E 84 -14.76 -34.46 47.39
N SER E 85 -13.42 -34.64 47.23
CA SER E 85 -12.72 -35.48 46.24
C SER E 85 -12.92 -35.06 44.76
N ARG E 86 -12.04 -35.60 43.87
CA ARG E 86 -11.94 -35.30 42.43
C ARG E 86 -13.26 -35.37 41.63
N ILE E 87 -14.20 -36.27 41.99
CA ILE E 87 -15.49 -36.40 41.29
C ILE E 87 -16.32 -35.10 41.46
N ASP E 88 -16.23 -34.47 42.64
CA ASP E 88 -16.90 -33.20 42.93
C ASP E 88 -16.06 -32.00 42.44
N VAL E 89 -14.74 -32.21 42.19
CA VAL E 89 -13.80 -31.19 41.68
C VAL E 89 -14.17 -30.80 40.23
N GLU E 90 -14.36 -31.81 39.38
CA GLU E 90 -14.74 -31.64 37.97
C GLU E 90 -16.21 -31.23 37.85
N LYS E 91 -17.02 -31.43 38.92
CA LYS E 91 -18.45 -31.08 38.97
C LYS E 91 -18.65 -29.55 38.94
N VAL E 92 -17.95 -28.80 39.81
CA VAL E 92 -18.07 -27.33 39.84
C VAL E 92 -16.94 -26.64 39.03
N GLY E 93 -15.88 -27.38 38.71
CA GLY E 93 -14.75 -26.89 37.90
C GLY E 93 -15.22 -26.54 36.49
N MSE E 94 -16.15 -27.35 35.98
CA MSE E 94 -16.83 -27.20 34.69
C MSE E 94 -17.96 -26.16 34.85
O MSE E 94 -18.11 -25.30 33.99
CB MSE E 94 -17.43 -28.55 34.27
CG MSE E 94 -17.89 -28.61 32.82
SE MSE E 94 -16.45 -29.10 31.61
CE MSE E 94 -16.07 -30.91 32.23
N LYS E 95 -18.73 -26.27 35.96
CA LYS E 95 -19.88 -25.40 36.29
C LYS E 95 -19.50 -23.93 36.38
N LYS E 96 -18.44 -23.60 37.16
CA LYS E 96 -17.97 -22.22 37.34
C LYS E 96 -17.18 -21.68 36.13
N PHE E 97 -16.65 -22.58 35.26
CA PHE E 97 -15.95 -22.17 34.03
C PHE E 97 -16.96 -21.49 33.09
N LEU E 98 -18.19 -22.02 33.03
CA LEU E 98 -19.28 -21.50 32.22
C LEU E 98 -19.83 -20.18 32.78
N GLU E 99 -19.66 -19.96 34.10
CA GLU E 99 -20.09 -18.72 34.76
C GLU E 99 -19.05 -17.65 34.45
N TRP E 100 -17.74 -18.02 34.56
CA TRP E 100 -16.56 -17.19 34.29
C TRP E 100 -16.54 -16.70 32.84
N MSE E 101 -16.94 -17.59 31.91
CA MSE E 101 -17.01 -17.30 30.48
C MSE E 101 -18.06 -16.26 30.13
O MSE E 101 -17.89 -15.55 29.14
CB MSE E 101 -17.18 -18.59 29.66
CG MSE E 101 -15.85 -19.22 29.26
SE MSE E 101 -14.83 -18.13 27.98
CE MSE E 101 -13.24 -19.28 27.77
N ASN E 102 -19.12 -16.12 30.96
CA ASN E 102 -20.14 -15.08 30.74
C ASN E 102 -19.68 -13.74 31.32
N GLU E 103 -18.80 -13.78 32.34
CA GLU E 103 -18.20 -12.59 32.96
C GLU E 103 -17.10 -12.06 32.04
N ASN E 104 -16.43 -12.97 31.31
CA ASN E 104 -15.36 -12.70 30.35
C ASN E 104 -15.87 -12.97 28.91
N LYS E 105 -17.13 -12.57 28.63
CA LYS E 105 -17.81 -12.74 27.35
C LYS E 105 -17.23 -11.82 26.29
N LYS E 106 -17.10 -10.51 26.61
CA LYS E 106 -16.56 -9.47 25.72
C LYS E 106 -15.12 -9.77 25.27
N TYR E 107 -14.28 -10.25 26.19
CA TYR E 107 -12.86 -10.50 25.97
C TYR E 107 -12.54 -11.85 25.28
N TYR E 108 -13.52 -12.47 24.60
CA TYR E 108 -13.25 -13.71 23.87
C TYR E 108 -12.71 -13.37 22.49
N LYS E 109 -13.13 -12.22 21.93
CA LYS E 109 -12.71 -11.67 20.63
C LYS E 109 -11.19 -11.70 20.49
N ILE E 110 -10.48 -11.52 21.63
CA ILE E 110 -9.02 -11.53 21.76
C ILE E 110 -8.49 -12.93 21.44
N PHE E 111 -9.09 -13.96 22.08
CA PHE E 111 -8.71 -15.36 21.91
C PHE E 111 -8.87 -15.87 20.47
N ILE E 112 -9.83 -15.29 19.70
CA ILE E 112 -10.04 -15.63 18.29
C ILE E 112 -8.81 -15.14 17.51
N GLU E 113 -8.43 -13.85 17.72
CA GLU E 113 -7.30 -13.15 17.11
C GLU E 113 -5.99 -13.88 17.36
N THR E 114 -5.83 -14.42 18.59
CA THR E 114 -4.65 -15.15 19.06
C THR E 114 -4.34 -16.33 18.13
N GLN E 115 -5.37 -17.12 17.79
CA GLN E 115 -5.26 -18.29 16.89
C GLN E 115 -4.72 -17.90 15.51
N VAL E 116 -4.99 -16.64 15.08
CA VAL E 116 -4.59 -16.10 13.78
C VAL E 116 -3.21 -15.42 13.81
N HIS E 117 -2.99 -14.51 14.78
CA HIS E 117 -1.77 -13.71 14.88
C HIS E 117 -0.65 -14.35 15.70
N ARG E 118 -0.92 -14.80 16.94
CA ARG E 118 0.10 -15.48 17.76
C ARG E 118 -0.39 -16.88 18.12
N PRO E 119 -0.35 -17.85 17.17
CA PRO E 119 -0.89 -19.19 17.45
C PRO E 119 -0.10 -20.01 18.47
N ASP E 120 1.17 -19.61 18.71
CA ASP E 120 2.05 -20.29 19.67
C ASP E 120 1.60 -20.05 21.11
N ILE E 121 1.11 -18.84 21.42
CA ILE E 121 0.61 -18.50 22.76
C ILE E 121 -0.85 -19.00 22.93
N TYR E 122 -1.51 -19.35 21.80
CA TYR E 122 -2.85 -19.95 21.78
C TYR E 122 -2.66 -21.42 22.20
N LYS E 123 -1.60 -22.07 21.65
CA LYS E 123 -1.16 -23.44 21.90
C LYS E 123 -0.67 -23.56 23.35
N TRP E 124 0.02 -22.51 23.84
CA TRP E 124 0.55 -22.40 25.20
C TRP E 124 -0.58 -22.37 26.23
N HIS E 125 -1.70 -21.65 25.92
CA HIS E 125 -2.87 -21.51 26.80
C HIS E 125 -3.39 -22.88 27.23
N PHE E 126 -3.57 -23.79 26.27
CA PHE E 126 -4.05 -25.14 26.52
C PHE E 126 -2.98 -26.03 27.16
N MSE E 127 -1.72 -25.98 26.66
CA MSE E 127 -0.60 -26.79 27.14
C MSE E 127 -0.20 -26.53 28.59
O MSE E 127 0.20 -27.46 29.27
CB MSE E 127 0.62 -26.69 26.20
CG MSE E 127 0.55 -27.68 25.07
SE MSE E 127 2.03 -27.57 23.82
CE MSE E 127 1.62 -29.16 22.77
N LYS E 128 -0.33 -25.27 29.06
CA LYS E 128 -0.05 -24.91 30.46
C LYS E 128 -1.21 -25.38 31.34
N LEU E 129 -2.46 -25.19 30.85
CA LEU E 129 -3.67 -25.60 31.54
C LEU E 129 -3.73 -27.14 31.67
N ALA E 130 -3.27 -27.86 30.63
CA ALA E 130 -3.20 -29.32 30.58
C ALA E 130 -2.11 -29.85 31.52
N GLU E 131 -0.97 -29.14 31.63
CA GLU E 131 0.15 -29.51 32.50
C GLU E 131 -0.24 -29.39 33.98
N ARG E 132 -1.12 -28.42 34.31
CA ARG E 132 -1.63 -28.17 35.66
C ARG E 132 -2.93 -28.94 35.96
N TYR E 133 -3.40 -29.73 34.98
CA TYR E 133 -4.58 -30.58 35.07
C TYR E 133 -4.11 -32.02 35.26
N THR E 134 -3.05 -32.42 34.50
CA THR E 134 -2.40 -33.73 34.54
C THR E 134 -1.87 -34.06 35.95
N THR E 135 -1.27 -33.07 36.63
CA THR E 135 -0.76 -33.20 38.00
C THR E 135 -1.93 -33.46 38.96
N GLY E 136 -3.06 -32.78 38.73
CA GLY E 136 -4.29 -32.91 39.50
C GLY E 136 -5.01 -34.23 39.30
N LEU E 137 -4.78 -34.91 38.16
CA LEU E 137 -5.40 -36.19 37.83
C LEU E 137 -4.49 -37.38 38.18
N SER E 138 -3.16 -37.22 38.06
CA SER E 138 -2.15 -38.25 38.37
C SER E 138 -2.18 -38.68 39.83
N GLU E 139 -2.41 -37.72 40.74
CA GLU E 139 -2.49 -37.95 42.19
C GLU E 139 -3.91 -38.27 42.66
N ALA E 140 -4.91 -38.12 41.76
CA ALA E 140 -6.32 -38.43 42.01
C ALA E 140 -6.58 -39.91 41.67
N MSE E 141 -5.80 -40.47 40.73
CA MSE E 141 -5.82 -41.88 40.31
C MSE E 141 -5.07 -42.70 41.37
O MSE E 141 -5.39 -43.87 41.59
CB MSE E 141 -5.17 -42.06 38.93
CG MSE E 141 -6.01 -41.53 37.76
SE MSE E 141 -5.28 -41.90 35.97
CE MSE E 141 -3.62 -40.86 36.06
N ARG E 142 -4.07 -42.07 42.01
CA ARG E 142 -3.21 -42.59 43.09
C ARG E 142 -4.04 -42.84 44.37
N ARG E 143 -5.18 -42.12 44.51
CA ARG E 143 -6.13 -42.24 45.63
C ARG E 143 -7.23 -43.26 45.28
N GLY E 144 -7.41 -43.52 43.99
CA GLY E 144 -8.39 -44.45 43.46
C GLY E 144 -9.79 -43.86 43.31
N GLU E 145 -9.88 -42.52 43.31
CA GLU E 145 -11.14 -41.77 43.20
C GLU E 145 -11.65 -41.74 41.76
N ILE E 146 -10.73 -41.64 40.77
CA ILE E 146 -11.05 -41.57 39.34
C ILE E 146 -10.31 -42.65 38.52
N ILE E 147 -10.88 -43.01 37.36
CA ILE E 147 -10.37 -44.03 36.42
C ILE E 147 -9.10 -43.58 35.65
N ASN E 148 -8.56 -44.48 34.78
CA ASN E 148 -7.37 -44.21 33.95
C ASN E 148 -7.66 -43.21 32.84
N PRO E 151 -3.93 -40.42 31.29
CA PRO E 151 -3.32 -39.43 32.18
C PRO E 151 -3.36 -38.02 31.61
N GLU E 152 -2.50 -37.72 30.61
CA GLU E 152 -2.43 -36.44 29.91
C GLU E 152 -3.64 -36.31 28.99
N LEU E 153 -4.05 -37.44 28.35
CA LEU E 153 -5.20 -37.54 27.45
C LEU E 153 -6.49 -37.11 28.14
N LEU E 154 -6.69 -37.53 29.41
CA LEU E 154 -7.86 -37.21 30.22
C LEU E 154 -8.03 -35.70 30.42
N SER E 155 -6.90 -34.97 30.57
CA SER E 155 -6.88 -33.51 30.75
C SER E 155 -7.51 -32.80 29.56
N TYR E 156 -7.04 -33.09 28.33
CA TYR E 156 -7.53 -32.50 27.07
C TYR E 156 -9.02 -32.78 26.84
N VAL E 157 -9.47 -34.03 27.17
CA VAL E 157 -10.85 -34.47 27.03
C VAL E 157 -11.80 -33.55 27.83
N LEU E 158 -11.47 -33.30 29.12
CA LEU E 158 -12.23 -32.44 30.02
C LEU E 158 -12.18 -30.98 29.57
N ILE E 159 -11.02 -30.53 29.01
CA ILE E 159 -10.79 -29.18 28.48
C ILE E 159 -11.75 -28.92 27.30
N GLY E 160 -11.80 -29.87 26.36
CA GLY E 160 -12.64 -29.85 25.18
C GLY E 160 -14.13 -29.75 25.47
N ILE E 161 -14.56 -30.33 26.61
CA ILE E 161 -15.96 -30.29 27.08
C ILE E 161 -16.30 -28.84 27.47
N ALA E 162 -15.43 -28.21 28.28
CA ALA E 162 -15.56 -26.82 28.74
C ALA E 162 -15.51 -25.87 27.55
N HIS E 163 -14.49 -26.04 26.68
CA HIS E 163 -14.20 -25.27 25.47
C HIS E 163 -15.43 -25.16 24.55
N MSE E 164 -15.99 -26.31 24.15
CA MSE E 164 -17.15 -26.40 23.24
C MSE E 164 -18.47 -25.92 23.85
O MSE E 164 -19.28 -25.34 23.14
CB MSE E 164 -17.28 -27.82 22.68
CG MSE E 164 -18.09 -27.90 21.38
SE MSE E 164 -17.24 -27.03 19.87
CE MSE E 164 -18.66 -25.76 19.44
N LEU E 165 -18.69 -26.19 25.16
CA LEU E 165 -19.93 -25.76 25.83
C LEU E 165 -20.00 -24.25 25.97
N GLY E 166 -18.86 -23.62 26.24
CA GLY E 166 -18.72 -22.17 26.35
C GLY E 166 -18.89 -21.50 25.00
N LYS E 167 -18.43 -22.19 23.94
CA LYS E 167 -18.54 -21.75 22.55
C LYS E 167 -20.00 -21.68 22.09
N ARG E 168 -20.83 -22.64 22.54
CA ARG E 168 -22.23 -22.77 22.15
C ARG E 168 -23.25 -22.13 23.12
N TYR E 169 -23.29 -22.55 24.38
CA TYR E 169 -24.30 -22.08 25.33
C TYR E 169 -24.02 -20.69 25.93
N VAL E 170 -22.76 -20.24 25.93
CA VAL E 170 -22.42 -18.92 26.47
C VAL E 170 -22.34 -17.86 25.36
N LEU E 171 -21.55 -18.15 24.30
CA LEU E 171 -21.28 -17.26 23.18
C LEU E 171 -22.38 -17.15 22.11
N TRP E 172 -22.71 -18.26 21.43
CA TRP E 172 -23.68 -18.26 20.32
C TRP E 172 -25.14 -18.11 20.76
N SER E 173 -25.59 -18.91 21.75
CA SER E 173 -26.97 -18.90 22.25
C SER E 173 -27.35 -17.66 23.07
N ASN E 174 -26.36 -17.04 23.78
CA ASN E 174 -26.46 -15.85 24.65
C ASN E 174 -27.61 -15.95 25.68
N SER E 175 -27.87 -17.17 26.20
CA SER E 175 -28.90 -17.45 27.19
C SER E 175 -28.33 -18.24 28.37
N GLY E 176 -27.63 -19.33 28.06
CA GLY E 176 -27.01 -20.20 29.05
C GLY E 176 -27.59 -21.60 29.09
N LEU E 177 -27.43 -22.26 30.25
CA LEU E 177 -27.92 -23.63 30.50
C LEU E 177 -29.14 -23.63 31.42
N THR E 178 -30.13 -24.47 31.09
CA THR E 178 -31.35 -24.65 31.87
C THR E 178 -31.05 -25.53 33.10
N LEU E 179 -31.94 -25.53 34.10
CA LEU E 179 -31.79 -26.34 35.32
C LEU E 179 -31.71 -27.84 34.99
N LYS E 180 -32.49 -28.29 33.97
CA LYS E 180 -32.54 -29.67 33.47
C LYS E 180 -31.17 -30.07 32.91
N GLN E 181 -30.62 -29.25 31.99
CA GLN E 181 -29.32 -29.47 31.35
C GLN E 181 -28.16 -29.41 32.35
N GLN E 182 -28.29 -28.54 33.38
CA GLN E 182 -27.31 -28.36 34.46
C GLN E 182 -27.07 -29.67 35.21
N ARG E 183 -28.18 -30.37 35.56
CA ARG E 183 -28.16 -31.65 36.27
C ARG E 183 -27.58 -32.75 35.38
N ASP E 184 -27.91 -32.73 34.07
CA ASP E 184 -27.46 -33.70 33.06
C ASP E 184 -25.93 -33.76 32.96
N LEU E 185 -25.26 -32.59 33.10
CA LEU E 185 -23.81 -32.42 33.05
C LEU E 185 -23.08 -33.24 34.10
N ASP E 186 -23.52 -33.13 35.37
CA ASP E 186 -22.96 -33.81 36.54
C ASP E 186 -22.98 -35.33 36.39
N LEU E 187 -24.03 -35.86 35.73
CA LEU E 187 -24.21 -37.28 35.46
C LEU E 187 -23.13 -37.78 34.49
N ILE E 188 -22.79 -36.97 33.46
CA ILE E 188 -21.75 -37.29 32.45
C ILE E 188 -20.40 -37.37 33.16
N ILE E 189 -20.15 -36.44 34.11
CA ILE E 189 -18.95 -36.37 34.93
C ILE E 189 -18.87 -37.63 35.82
N GLU E 190 -19.99 -37.96 36.52
CA GLU E 190 -20.13 -39.12 37.41
C GLU E 190 -19.88 -40.44 36.68
N ASN E 191 -20.50 -40.62 35.50
CA ASN E 191 -20.35 -41.82 34.67
C ASN E 191 -18.97 -41.98 34.05
N MSE E 192 -18.25 -40.88 33.81
CA MSE E 192 -16.92 -40.89 33.20
C MSE E 192 -15.75 -41.10 34.19
O MSE E 192 -14.64 -41.37 33.75
CB MSE E 192 -16.70 -39.61 32.37
CG MSE E 192 -15.95 -39.86 31.07
SE MSE E 192 -15.10 -38.25 30.36
CE MSE E 192 -13.61 -38.10 31.64
N LEU E 193 -16.01 -40.97 35.51
CA LEU E 193 -14.96 -41.13 36.53
C LEU E 193 -15.12 -42.37 37.41
N THR E 194 -16.38 -42.77 37.70
CA THR E 194 -16.71 -43.95 38.50
C THR E 194 -16.75 -45.16 37.55
N PRO E 195 -15.94 -46.23 37.78
CA PRO E 195 -15.97 -47.39 36.85
C PRO E 195 -17.30 -48.16 36.82
N ARG E 196 -18.18 -47.78 35.87
CA ARG E 196 -19.51 -48.36 35.66
C ARG E 196 -19.47 -49.43 34.57
N PRO F 6 -23.65 -26.33 -13.41
CA PRO F 6 -23.42 -27.64 -12.79
C PRO F 6 -24.02 -28.81 -13.59
N LYS F 7 -24.85 -28.49 -14.61
CA LYS F 7 -25.58 -29.44 -15.46
C LYS F 7 -24.67 -30.42 -16.23
N THR F 8 -23.79 -29.90 -17.11
CA THR F 8 -22.85 -30.69 -17.92
C THR F 8 -21.78 -31.35 -17.06
N GLU F 9 -21.25 -32.52 -17.52
CA GLU F 9 -20.17 -33.26 -16.85
C GLU F 9 -18.91 -32.39 -16.83
N LYS F 10 -18.67 -31.63 -17.94
CA LYS F 10 -17.56 -30.68 -18.06
C LYS F 10 -17.84 -29.48 -17.16
N GLY F 11 -19.12 -29.09 -17.06
CA GLY F 11 -19.60 -28.00 -16.22
C GLY F 11 -19.32 -28.24 -14.75
N LYS F 12 -19.60 -29.45 -14.26
CA LYS F 12 -19.36 -29.83 -12.87
C LYS F 12 -17.86 -30.09 -12.61
N GLU F 13 -17.11 -30.44 -13.67
CA GLU F 13 -15.67 -30.70 -13.60
C GLU F 13 -14.92 -29.39 -13.33
N SER F 14 -15.21 -28.34 -14.14
CA SER F 14 -14.63 -27.00 -14.04
C SER F 14 -14.90 -26.34 -12.70
N LEU F 15 -16.13 -26.53 -12.15
CA LEU F 15 -16.52 -26.02 -10.83
C LEU F 15 -15.60 -26.64 -9.78
N ASN F 16 -15.28 -27.93 -9.95
CA ASN F 16 -14.38 -28.65 -9.05
C ASN F 16 -12.91 -28.33 -9.28
N LYS F 17 -12.57 -27.75 -10.45
CA LYS F 17 -11.19 -27.33 -10.75
C LYS F 17 -10.89 -26.08 -9.89
N ILE F 18 -11.84 -25.12 -9.89
CA ILE F 18 -11.81 -23.84 -9.15
C ILE F 18 -11.81 -24.09 -7.63
N LEU F 19 -12.76 -24.94 -7.15
CA LEU F 19 -12.91 -25.27 -5.74
C LEU F 19 -11.67 -25.94 -5.14
N ASP F 20 -11.04 -26.88 -5.89
CA ASP F 20 -9.82 -27.56 -5.43
C ASP F 20 -8.60 -26.64 -5.49
N ALA F 21 -8.64 -25.61 -6.36
CA ALA F 21 -7.58 -24.61 -6.48
C ALA F 21 -7.65 -23.66 -5.28
N SER F 22 -8.89 -23.23 -4.91
CA SER F 22 -9.19 -22.34 -3.79
C SER F 22 -8.71 -22.89 -2.45
N VAL F 23 -8.93 -24.20 -2.20
CA VAL F 23 -8.54 -24.84 -0.95
C VAL F 23 -7.02 -24.85 -0.74
N GLU F 24 -6.22 -24.99 -1.83
CA GLU F 24 -4.75 -25.00 -1.75
C GLU F 24 -4.20 -23.62 -1.42
N LEU F 25 -4.72 -22.59 -2.11
CA LEU F 25 -4.29 -21.19 -1.96
C LEU F 25 -4.66 -20.62 -0.60
N ILE F 26 -5.95 -20.76 -0.20
CA ILE F 26 -6.44 -20.28 1.10
C ILE F 26 -5.72 -21.01 2.26
N ALA F 27 -5.36 -22.29 2.07
CA ALA F 27 -4.61 -23.08 3.05
C ALA F 27 -3.13 -22.68 3.12
N ASP F 28 -2.62 -21.96 2.10
CA ASP F 28 -1.22 -21.53 2.06
C ASP F 28 -1.03 -20.06 2.39
N LYS F 29 -1.72 -19.15 1.67
CA LYS F 29 -1.60 -17.69 1.84
C LYS F 29 -2.79 -17.00 2.56
N GLY F 30 -3.93 -17.67 2.67
CA GLY F 30 -5.10 -17.10 3.33
C GLY F 30 -6.13 -16.56 2.38
N PHE F 31 -7.25 -16.04 2.92
CA PHE F 31 -8.35 -15.50 2.13
C PHE F 31 -8.01 -14.16 1.48
N LEU F 32 -7.49 -13.19 2.27
CA LEU F 32 -7.10 -11.85 1.83
C LEU F 32 -6.12 -11.90 0.66
N SER F 33 -4.99 -12.58 0.88
CA SER F 33 -3.88 -12.75 -0.06
C SER F 33 -4.28 -13.40 -1.38
N THR F 34 -5.25 -14.34 -1.34
CA THR F 34 -5.73 -15.05 -2.53
C THR F 34 -6.63 -14.13 -3.38
N SER F 35 -6.23 -13.91 -4.64
CA SER F 35 -6.97 -13.11 -5.60
C SER F 35 -7.75 -14.05 -6.53
N ILE F 36 -8.76 -13.53 -7.26
CA ILE F 36 -9.52 -14.34 -8.20
C ILE F 36 -8.57 -14.86 -9.30
N ASN F 37 -7.58 -14.02 -9.70
CA ASN F 37 -6.56 -14.37 -10.68
C ASN F 37 -5.75 -15.57 -10.18
N ASP F 38 -5.37 -15.56 -8.88
CA ASP F 38 -4.62 -16.64 -8.23
C ASP F 38 -5.33 -18.00 -8.35
N ILE F 39 -6.68 -17.99 -8.27
CA ILE F 39 -7.53 -19.18 -8.35
C ILE F 39 -7.62 -19.72 -9.79
N THR F 40 -8.11 -18.89 -10.72
CA THR F 40 -8.32 -19.26 -12.12
C THR F 40 -7.01 -19.71 -12.79
N SER F 41 -5.87 -19.10 -12.42
CA SER F 41 -4.55 -19.46 -12.95
C SER F 41 -4.14 -20.85 -12.48
N LYS F 42 -4.55 -21.24 -11.26
CA LYS F 42 -4.28 -22.56 -10.69
C LYS F 42 -5.15 -23.59 -11.44
N ALA F 43 -6.45 -23.29 -11.59
CA ALA F 43 -7.42 -24.13 -12.28
C ALA F 43 -7.19 -24.22 -13.80
N GLY F 44 -6.42 -23.28 -14.33
CA GLY F 44 -6.11 -23.19 -15.76
C GLY F 44 -7.33 -22.78 -16.58
N VAL F 45 -8.31 -22.15 -15.92
CA VAL F 45 -9.55 -21.68 -16.53
C VAL F 45 -9.53 -20.17 -16.71
N ALA F 46 -10.53 -19.63 -17.42
CA ALA F 46 -10.68 -18.20 -17.64
C ALA F 46 -10.96 -17.48 -16.30
N TYR F 47 -10.64 -16.18 -16.22
CA TYR F 47 -10.86 -15.36 -15.02
C TYR F 47 -12.34 -15.29 -14.66
N GLY F 48 -13.17 -14.88 -15.62
CA GLY F 48 -14.61 -14.72 -15.45
C GLY F 48 -15.41 -15.97 -15.10
N LEU F 49 -14.80 -17.17 -15.26
CA LEU F 49 -15.43 -18.48 -15.00
C LEU F 49 -15.74 -18.70 -13.53
N PHE F 50 -14.97 -18.05 -12.64
CA PHE F 50 -15.20 -18.10 -11.21
C PHE F 50 -16.58 -17.50 -10.94
N TYR F 51 -16.88 -16.36 -11.60
CA TYR F 51 -18.12 -15.63 -11.44
C TYR F 51 -19.31 -16.26 -12.18
N PHE F 52 -19.08 -17.39 -12.86
CA PHE F 52 -20.11 -18.16 -13.53
C PHE F 52 -20.71 -19.14 -12.50
N TYR F 53 -19.82 -19.77 -11.71
CA TYR F 53 -20.16 -20.74 -10.67
C TYR F 53 -20.36 -20.15 -9.27
N PHE F 54 -19.75 -18.99 -8.98
CA PHE F 54 -19.82 -18.35 -7.67
C PHE F 54 -20.24 -16.88 -7.76
N LYS F 55 -21.08 -16.43 -6.82
CA LYS F 55 -21.61 -15.06 -6.74
C LYS F 55 -20.51 -14.02 -6.46
N SER F 56 -19.65 -14.29 -5.45
CA SER F 56 -18.55 -13.42 -5.04
C SER F 56 -17.38 -14.22 -4.39
N LYS F 57 -16.35 -13.49 -3.92
CA LYS F 57 -15.14 -14.05 -3.31
C LYS F 57 -15.43 -14.78 -2.00
N HIS F 58 -16.27 -14.20 -1.13
CA HIS F 58 -16.60 -14.83 0.15
C HIS F 58 -17.49 -16.07 -0.01
N ASP F 59 -18.19 -16.19 -1.15
CA ASP F 59 -19.05 -17.33 -1.46
C ASP F 59 -18.28 -18.64 -1.69
N ILE F 60 -16.97 -18.56 -2.03
CA ILE F 60 -16.14 -19.77 -2.21
C ILE F 60 -15.90 -20.44 -0.85
N LEU F 61 -15.64 -19.64 0.21
CA LEU F 61 -15.41 -20.12 1.59
C LEU F 61 -16.61 -20.93 2.08
N ASP F 62 -17.85 -20.43 1.83
CA ASP F 62 -19.11 -21.06 2.19
C ASP F 62 -19.15 -22.46 1.57
N GLU F 63 -18.88 -22.56 0.27
CA GLU F 63 -18.87 -23.82 -0.47
C GLU F 63 -17.69 -24.72 -0.09
N ILE F 64 -16.56 -24.14 0.38
CA ILE F 64 -15.39 -24.89 0.84
C ILE F 64 -15.77 -25.61 2.14
N ILE F 65 -16.34 -24.86 3.10
CA ILE F 65 -16.80 -25.34 4.40
C ILE F 65 -17.86 -26.44 4.25
N ARG F 66 -18.85 -26.23 3.35
CA ARG F 66 -19.93 -27.19 3.07
C ARG F 66 -19.39 -28.53 2.58
N GLN F 67 -18.32 -28.52 1.76
CA GLN F 67 -17.67 -29.74 1.26
C GLN F 67 -16.80 -30.34 2.38
N PHE F 68 -16.15 -29.50 3.20
CA PHE F 68 -15.31 -29.92 4.34
C PHE F 68 -16.17 -30.38 5.53
N ASN F 69 -17.47 -30.62 5.27
CA ASN F 69 -18.50 -31.07 6.20
C ASN F 69 -19.13 -32.35 5.65
N ARG F 70 -19.61 -32.29 4.37
CA ARG F 70 -20.23 -33.41 3.64
C ARG F 70 -19.23 -34.55 3.49
N ASN F 71 -17.99 -34.24 3.02
CA ASN F 71 -16.90 -35.22 2.80
C ASN F 71 -16.37 -35.84 4.09
N MSE F 72 -16.59 -35.18 5.24
CA MSE F 72 -16.18 -35.68 6.55
C MSE F 72 -17.27 -36.60 7.11
O MSE F 72 -16.97 -37.74 7.51
CB MSE F 72 -15.89 -34.53 7.52
CG MSE F 72 -15.39 -34.99 8.87
SE MSE F 72 -15.35 -33.57 10.20
CE MSE F 72 -17.23 -33.01 10.17
N ARG F 73 -18.53 -36.11 7.14
CA ARG F 73 -19.71 -36.83 7.65
C ARG F 73 -19.99 -38.14 6.90
N TYR F 74 -19.81 -38.14 5.56
CA TYR F 74 -19.98 -39.31 4.68
C TYR F 74 -18.87 -40.32 4.97
N TYR F 75 -17.63 -39.85 5.22
CA TYR F 75 -16.48 -40.68 5.54
C TYR F 75 -16.69 -41.38 6.88
N LEU F 76 -17.26 -40.67 7.87
CA LEU F 76 -17.54 -41.22 9.19
C LEU F 76 -18.73 -42.18 9.19
N LYS F 77 -19.77 -41.91 8.35
CA LYS F 77 -20.94 -42.78 8.21
C LYS F 77 -20.58 -44.12 7.55
N THR F 78 -19.50 -44.14 6.74
CA THR F 78 -18.96 -45.31 6.04
C THR F 78 -18.48 -46.38 7.04
N TYR F 79 -17.74 -45.95 8.08
CA TYR F 79 -17.19 -46.82 9.12
C TYR F 79 -18.15 -47.12 10.29
N THR F 80 -19.37 -46.52 10.29
CA THR F 80 -20.35 -46.69 11.37
C THR F 80 -21.71 -47.30 10.91
N GLN F 81 -21.71 -48.06 9.80
CA GLN F 81 -22.92 -48.73 9.28
C GLN F 81 -23.19 -50.08 9.98
N ASN F 82 -22.22 -50.56 10.79
CA ASN F 82 -22.20 -51.84 11.50
C ASN F 82 -23.21 -51.95 12.68
N LEU F 83 -22.81 -52.64 13.78
CA LEU F 83 -23.57 -52.93 15.01
C LEU F 83 -24.53 -51.83 15.47
N ASP F 84 -25.72 -52.24 15.92
CA ASP F 84 -26.80 -51.36 16.40
C ASP F 84 -26.43 -50.55 17.65
N SER F 85 -25.45 -51.03 18.44
CA SER F 85 -24.97 -50.37 19.66
C SER F 85 -24.18 -49.09 19.32
N ARG F 86 -24.65 -47.93 19.87
CA ARG F 86 -24.08 -46.59 19.69
C ARG F 86 -22.66 -46.46 20.22
N ILE F 87 -22.36 -47.16 21.34
CA ILE F 87 -21.04 -47.18 21.99
C ILE F 87 -19.97 -47.68 21.00
N ASP F 88 -20.34 -48.66 20.14
CA ASP F 88 -19.48 -49.19 19.08
C ASP F 88 -19.31 -48.16 17.95
N VAL F 89 -20.39 -47.42 17.63
CA VAL F 89 -20.43 -46.35 16.60
C VAL F 89 -19.46 -45.22 17.01
N GLU F 90 -19.56 -44.77 18.27
CA GLU F 90 -18.72 -43.72 18.85
C GLU F 90 -17.26 -44.15 19.04
N LYS F 91 -17.00 -45.47 19.21
CA LYS F 91 -15.66 -46.05 19.40
C LYS F 91 -14.81 -45.90 18.13
N VAL F 92 -15.44 -46.12 16.95
CA VAL F 92 -14.80 -46.03 15.63
C VAL F 92 -14.81 -44.56 15.16
N GLY F 93 -15.96 -43.90 15.30
CA GLY F 93 -16.21 -42.52 14.91
C GLY F 93 -15.28 -41.47 15.50
N MSE F 94 -14.58 -41.83 16.59
CA MSE F 94 -13.62 -40.95 17.28
C MSE F 94 -12.21 -41.18 16.71
O MSE F 94 -11.52 -40.20 16.42
CB MSE F 94 -13.65 -41.21 18.79
CG MSE F 94 -12.96 -40.14 19.63
SE MSE F 94 -13.86 -38.41 19.63
CE MSE F 94 -15.62 -38.93 20.34
N LYS F 95 -11.78 -42.45 16.56
CA LYS F 95 -10.47 -42.84 16.04
C LYS F 95 -10.32 -42.54 14.55
N LYS F 96 -11.40 -42.75 13.77
CA LYS F 96 -11.41 -42.50 12.33
C LYS F 96 -11.45 -40.99 12.01
N PHE F 97 -11.97 -40.17 12.95
CA PHE F 97 -12.02 -38.71 12.86
C PHE F 97 -10.59 -38.17 12.94
N LEU F 98 -9.75 -38.80 13.80
CA LEU F 98 -8.35 -38.47 14.00
C LEU F 98 -7.50 -38.93 12.81
N GLU F 99 -7.97 -39.95 12.08
CA GLU F 99 -7.33 -40.50 10.88
C GLU F 99 -7.58 -39.55 9.70
N TRP F 100 -8.83 -39.02 9.58
CA TRP F 100 -9.26 -38.10 8.53
C TRP F 100 -8.64 -36.71 8.71
N MSE F 101 -8.57 -36.22 9.97
CA MSE F 101 -7.98 -34.92 10.30
C MSE F 101 -6.49 -34.91 10.07
O MSE F 101 -5.94 -33.85 9.76
CB MSE F 101 -8.32 -34.49 11.74
CG MSE F 101 -9.65 -33.74 11.87
SE MSE F 101 -9.67 -31.97 11.00
CE MSE F 101 -11.32 -31.25 11.78
N ASN F 102 -5.81 -36.07 10.18
CA ASN F 102 -4.38 -36.18 9.92
C ASN F 102 -4.12 -36.17 8.40
N GLU F 103 -5.11 -36.64 7.61
CA GLU F 103 -5.06 -36.65 6.15
C GLU F 103 -5.27 -35.21 5.64
N ASN F 104 -6.17 -34.46 6.31
CA ASN F 104 -6.49 -33.06 5.98
C ASN F 104 -5.89 -32.10 7.03
N LYS F 105 -4.62 -32.37 7.44
CA LYS F 105 -3.87 -31.61 8.45
C LYS F 105 -3.64 -30.15 8.02
N LYS F 106 -3.14 -29.94 6.78
CA LYS F 106 -2.85 -28.61 6.22
C LYS F 106 -4.14 -27.84 5.84
N TYR F 107 -5.32 -28.43 6.09
CA TYR F 107 -6.62 -27.87 5.74
C TYR F 107 -7.40 -27.31 6.94
N TYR F 108 -6.75 -27.18 8.12
CA TYR F 108 -7.41 -26.58 9.28
C TYR F 108 -7.23 -25.05 9.24
N LYS F 109 -6.16 -24.58 8.58
CA LYS F 109 -5.85 -23.14 8.42
C LYS F 109 -6.98 -22.39 7.72
N ILE F 110 -7.83 -23.12 6.96
CA ILE F 110 -9.00 -22.58 6.26
C ILE F 110 -10.02 -22.14 7.32
N PHE F 111 -10.21 -22.96 8.38
CA PHE F 111 -11.14 -22.67 9.49
C PHE F 111 -10.76 -21.39 10.24
N ILE F 112 -9.44 -21.19 10.46
CA ILE F 112 -8.89 -20.00 11.11
C ILE F 112 -9.27 -18.78 10.26
N GLU F 113 -9.09 -18.90 8.93
CA GLU F 113 -9.44 -17.88 7.94
C GLU F 113 -10.97 -17.71 7.83
N THR F 114 -11.73 -18.76 8.19
CA THR F 114 -13.20 -18.75 8.15
C THR F 114 -13.72 -17.95 9.33
N GLN F 115 -13.23 -18.22 10.55
CA GLN F 115 -13.63 -17.52 11.79
C GLN F 115 -13.39 -15.99 11.71
N VAL F 116 -12.55 -15.55 10.75
CA VAL F 116 -12.22 -14.15 10.51
C VAL F 116 -13.16 -13.54 9.47
N HIS F 117 -13.16 -14.10 8.24
CA HIS F 117 -13.90 -13.57 7.09
C HIS F 117 -15.38 -14.00 7.02
N ARG F 118 -15.67 -15.29 7.22
CA ARG F 118 -17.05 -15.77 7.21
C ARG F 118 -17.34 -16.53 8.54
N PRO F 119 -17.41 -15.82 9.70
CA PRO F 119 -17.63 -16.54 10.98
C PRO F 119 -19.02 -17.16 11.14
N ASP F 120 -20.00 -16.73 10.32
CA ASP F 120 -21.36 -17.25 10.31
C ASP F 120 -21.39 -18.67 9.76
N ILE F 121 -20.61 -18.94 8.69
CA ILE F 121 -20.53 -20.28 8.10
C ILE F 121 -19.62 -21.19 8.95
N TYR F 122 -18.85 -20.61 9.90
CA TYR F 122 -17.99 -21.35 10.82
C TYR F 122 -18.90 -21.97 11.90
N LYS F 123 -19.91 -21.21 12.38
CA LYS F 123 -20.90 -21.64 13.37
C LYS F 123 -21.82 -22.70 12.75
N TRP F 124 -22.08 -22.58 11.42
CA TRP F 124 -22.92 -23.48 10.63
C TRP F 124 -22.35 -24.90 10.60
N HIS F 125 -21.02 -25.06 10.42
CA HIS F 125 -20.36 -26.38 10.36
C HIS F 125 -20.62 -27.17 11.63
N PHE F 126 -20.50 -26.52 12.79
CA PHE F 126 -20.73 -27.12 14.09
C PHE F 126 -22.20 -27.44 14.33
N MSE F 127 -23.10 -26.49 14.03
CA MSE F 127 -24.55 -26.66 14.20
C MSE F 127 -25.15 -27.75 13.30
O MSE F 127 -26.03 -28.48 13.77
CB MSE F 127 -25.29 -25.32 14.04
CG MSE F 127 -25.34 -24.53 15.34
SE MSE F 127 -25.61 -22.63 15.09
CE MSE F 127 -27.45 -22.66 14.38
N LYS F 128 -24.64 -27.90 12.06
CA LYS F 128 -25.10 -28.95 11.13
C LYS F 128 -24.54 -30.31 11.57
N LEU F 129 -23.27 -30.33 12.06
CA LEU F 129 -22.64 -31.55 12.57
C LEU F 129 -23.37 -32.01 13.84
N ALA F 130 -23.76 -31.04 14.70
CA ALA F 130 -24.51 -31.29 15.94
C ALA F 130 -25.92 -31.80 15.65
N GLU F 131 -26.56 -31.32 14.57
CA GLU F 131 -27.91 -31.72 14.13
C GLU F 131 -27.97 -33.21 13.78
N ARG F 132 -26.91 -33.75 13.16
CA ARG F 132 -26.81 -35.15 12.76
C ARG F 132 -26.26 -36.02 13.90
N TYR F 133 -25.73 -35.37 14.95
CA TYR F 133 -25.20 -35.99 16.16
C TYR F 133 -26.26 -35.96 17.27
N THR F 134 -27.41 -35.27 17.02
CA THR F 134 -28.54 -35.13 17.95
C THR F 134 -29.62 -36.16 17.61
N THR F 135 -30.12 -36.12 16.36
CA THR F 135 -31.18 -37.02 15.86
C THR F 135 -30.68 -38.47 15.86
N GLY F 136 -29.41 -38.68 15.52
CA GLY F 136 -28.77 -39.99 15.49
C GLY F 136 -28.44 -40.55 16.86
N LEU F 137 -28.30 -39.66 17.87
CA LEU F 137 -27.98 -40.00 19.26
C LEU F 137 -29.25 -40.35 20.04
N SER F 138 -30.36 -39.65 19.76
CA SER F 138 -31.68 -39.84 20.39
C SER F 138 -32.31 -41.19 20.03
N GLU F 139 -31.89 -41.79 18.90
CA GLU F 139 -32.33 -43.11 18.41
C GLU F 139 -31.89 -44.18 19.41
N ALA F 140 -30.57 -44.20 19.72
CA ALA F 140 -29.92 -45.13 20.64
C ALA F 140 -30.25 -44.84 22.11
N MSE F 141 -30.73 -43.62 22.40
CA MSE F 141 -31.12 -43.18 23.74
C MSE F 141 -32.40 -43.91 24.21
O MSE F 141 -32.40 -44.46 25.30
CB MSE F 141 -31.31 -41.66 23.75
CG MSE F 141 -31.25 -41.05 25.14
SE MSE F 141 -30.94 -39.13 25.09
CE MSE F 141 -32.64 -38.54 24.34
N ARG F 142 -33.45 -43.92 23.35
CA ARG F 142 -34.73 -44.59 23.61
C ARG F 142 -34.53 -46.11 23.67
N ARG F 143 -33.51 -46.62 22.96
CA ARG F 143 -33.11 -48.02 22.90
C ARG F 143 -32.38 -48.48 24.19
N GLY F 144 -32.12 -47.55 25.10
CA GLY F 144 -31.46 -47.79 26.39
C GLY F 144 -30.02 -48.27 26.30
N GLU F 145 -29.33 -47.93 25.19
CA GLU F 145 -27.94 -48.29 24.94
C GLU F 145 -27.02 -47.26 25.61
N ILE F 146 -27.40 -45.96 25.50
CA ILE F 146 -26.67 -44.81 26.05
C ILE F 146 -27.51 -44.09 27.14
N ILE F 147 -26.90 -43.10 27.81
CA ILE F 147 -27.51 -42.33 28.91
C ILE F 147 -28.72 -41.49 28.45
N ASN F 148 -29.78 -41.43 29.30
CA ASN F 148 -31.02 -40.68 29.08
C ASN F 148 -30.90 -39.25 29.64
N VAL F 149 -30.32 -38.35 28.81
CA VAL F 149 -30.10 -36.93 29.10
C VAL F 149 -30.60 -36.07 27.91
N ASP F 150 -30.02 -34.86 27.71
CA ASP F 150 -30.39 -34.01 26.58
C ASP F 150 -29.59 -34.45 25.35
N PRO F 151 -30.22 -34.65 24.16
CA PRO F 151 -29.45 -35.10 22.99
C PRO F 151 -28.50 -34.07 22.39
N GLU F 152 -28.95 -32.79 22.28
CA GLU F 152 -28.17 -31.67 21.73
C GLU F 152 -26.95 -31.37 22.60
N LEU F 153 -27.12 -31.40 23.94
CA LEU F 153 -26.09 -31.15 24.94
C LEU F 153 -24.91 -32.11 24.81
N LEU F 154 -25.18 -33.43 24.71
CA LEU F 154 -24.17 -34.48 24.59
C LEU F 154 -23.44 -34.44 23.25
N SER F 155 -24.11 -33.97 22.17
CA SER F 155 -23.55 -33.85 20.83
C SER F 155 -22.31 -32.94 20.85
N TYR F 156 -22.45 -31.74 21.47
CA TYR F 156 -21.37 -30.76 21.61
C TYR F 156 -20.24 -31.28 22.50
N VAL F 157 -20.59 -32.11 23.51
CA VAL F 157 -19.62 -32.73 24.43
C VAL F 157 -18.70 -33.68 23.64
N LEU F 158 -19.31 -34.55 22.81
CA LEU F 158 -18.61 -35.53 21.97
C LEU F 158 -17.82 -34.87 20.83
N ILE F 159 -18.34 -33.76 20.26
CA ILE F 159 -17.68 -32.99 19.20
C ILE F 159 -16.48 -32.24 19.81
N GLY F 160 -16.69 -31.60 20.96
CA GLY F 160 -15.69 -30.86 21.70
C GLY F 160 -14.46 -31.68 22.05
N ILE F 161 -14.67 -32.97 22.36
CA ILE F 161 -13.61 -33.93 22.68
C ILE F 161 -12.81 -34.23 21.40
N ALA F 162 -13.52 -34.47 20.27
CA ALA F 162 -12.92 -34.73 18.95
C ALA F 162 -12.11 -33.53 18.45
N HIS F 163 -12.65 -32.30 18.68
CA HIS F 163 -12.07 -31.01 18.32
C HIS F 163 -10.73 -30.80 19.03
N MSE F 164 -10.74 -30.92 20.37
CA MSE F 164 -9.57 -30.76 21.24
C MSE F 164 -8.47 -31.81 20.98
O MSE F 164 -7.29 -31.48 21.04
CB MSE F 164 -10.00 -30.78 22.72
CG MSE F 164 -8.99 -30.15 23.67
SE MSE F 164 -8.70 -28.25 23.36
CE MSE F 164 -6.77 -28.29 23.24
N LEU F 165 -8.88 -33.07 20.68
CA LEU F 165 -7.94 -34.16 20.37
C LEU F 165 -7.25 -33.89 19.03
N GLY F 166 -8.03 -33.36 18.08
CA GLY F 166 -7.55 -32.99 16.76
C GLY F 166 -6.57 -31.84 16.80
N LYS F 167 -6.68 -31.00 17.84
CA LYS F 167 -5.79 -29.87 18.06
C LYS F 167 -4.43 -30.38 18.60
N ARG F 168 -4.45 -31.14 19.71
CA ARG F 168 -3.24 -31.63 20.37
C ARG F 168 -2.55 -32.79 19.66
N TYR F 169 -3.22 -33.95 19.52
CA TYR F 169 -2.59 -35.14 18.95
C TYR F 169 -2.49 -35.16 17.43
N VAL F 170 -3.33 -34.39 16.71
CA VAL F 170 -3.26 -34.37 15.25
C VAL F 170 -2.43 -33.17 14.73
N LEU F 171 -2.81 -31.93 15.12
CA LEU F 171 -2.16 -30.71 14.65
C LEU F 171 -0.87 -30.32 15.40
N TRP F 172 -0.91 -30.28 16.74
CA TRP F 172 0.24 -29.86 17.56
C TRP F 172 1.30 -30.96 17.77
N SER F 173 1.07 -32.18 17.23
CA SER F 173 2.02 -33.30 17.31
C SER F 173 1.91 -34.22 16.08
N ASN F 174 3.06 -34.52 15.44
CA ASN F 174 3.13 -35.39 14.27
C ASN F 174 3.10 -36.87 14.67
N SER F 175 3.56 -37.18 15.90
CA SER F 175 3.63 -38.52 16.49
C SER F 175 2.25 -39.17 16.62
N GLY F 176 1.25 -38.39 17.01
CA GLY F 176 -0.13 -38.83 17.17
C GLY F 176 -0.41 -39.46 18.52
N LEU F 177 -1.05 -40.64 18.50
CA LEU F 177 -1.41 -41.40 19.70
C LEU F 177 -0.68 -42.73 19.80
N THR F 178 -0.26 -43.09 21.02
CA THR F 178 0.42 -44.36 21.32
C THR F 178 -0.64 -45.45 21.52
N LEU F 179 -0.24 -46.73 21.32
CA LEU F 179 -1.11 -47.91 21.46
C LEU F 179 -1.86 -48.00 22.80
N LYS F 180 -1.19 -47.65 23.91
CA LYS F 180 -1.77 -47.65 25.26
C LYS F 180 -2.84 -46.55 25.39
N GLN F 181 -2.54 -45.35 24.84
CA GLN F 181 -3.44 -44.20 24.82
C GLN F 181 -4.65 -44.47 23.93
N GLN F 182 -4.44 -45.22 22.83
CA GLN F 182 -5.50 -45.63 21.89
C GLN F 182 -6.54 -46.48 22.62
N ARG F 183 -6.08 -47.40 23.48
CA ARG F 183 -6.92 -48.28 24.29
C ARG F 183 -7.62 -47.46 25.38
N ASP F 184 -6.85 -46.59 26.09
CA ASP F 184 -7.31 -45.71 27.17
C ASP F 184 -8.51 -44.86 26.75
N LEU F 185 -8.46 -44.32 25.51
CA LEU F 185 -9.47 -43.47 24.89
C LEU F 185 -10.82 -44.19 24.74
N ASP F 186 -10.81 -45.46 24.28
CA ASP F 186 -12.01 -46.28 24.05
C ASP F 186 -12.82 -46.53 25.32
N LEU F 187 -12.16 -46.65 26.48
CA LEU F 187 -12.81 -46.87 27.77
C LEU F 187 -13.51 -45.61 28.27
N ILE F 188 -12.95 -44.42 27.94
CA ILE F 188 -13.50 -43.11 28.32
C ILE F 188 -14.88 -42.91 27.67
N ILE F 189 -15.02 -43.36 26.41
CA ILE F 189 -16.27 -43.33 25.65
C ILE F 189 -17.27 -44.29 26.31
N GLU F 190 -16.84 -45.56 26.54
CA GLU F 190 -17.60 -46.66 27.16
C GLU F 190 -18.12 -46.32 28.56
N ASN F 191 -17.33 -45.55 29.34
CA ASN F 191 -17.65 -45.16 30.70
C ASN F 191 -18.86 -44.23 30.80
N MSE F 192 -18.87 -43.13 30.02
CA MSE F 192 -19.96 -42.14 30.04
C MSE F 192 -21.17 -42.51 29.16
O MSE F 192 -21.92 -41.64 28.74
CB MSE F 192 -19.44 -40.71 29.73
CG MSE F 192 -18.74 -40.56 28.38
SE MSE F 192 -18.66 -38.70 27.80
CE MSE F 192 -20.31 -38.62 26.79
N LEU F 193 -21.40 -43.83 28.92
CA LEU F 193 -22.52 -44.35 28.15
C LEU F 193 -23.02 -45.67 28.79
N THR F 194 -23.78 -45.55 29.90
CA THR F 194 -24.33 -46.67 30.67
C THR F 194 -25.86 -46.54 30.82
N1A UNL K . -4.11 -13.82 43.92
C2A UNL K . -3.92 -13.84 42.60
N3A UNL K . -3.45 -14.83 41.82
C4A UNL K . -3.17 -15.92 42.55
C5A UNL K . -3.31 -16.05 43.93
C6A UNL K . -3.81 -14.94 44.63
N6A UNL K . -4.02 -14.93 45.95
N7A UNL K . -2.92 -17.32 44.33
C8A UNL K . -2.57 -17.92 43.22
N9A UNL K . -2.70 -17.13 42.11
C1B UNL K . -2.45 -17.51 40.71
C2B UNL K . -0.97 -17.68 40.34
O2B UNL K . -0.60 -16.70 39.37
C3B UNL K . -0.93 -19.11 39.77
O3B UNL K . -0.19 -19.14 38.54
P3B UNL K . 1.40 -19.45 38.33
O7A UNL K . 2.17 -19.19 39.59
O8A UNL K . 1.49 -20.91 37.87
O9A UNL K . 1.87 -18.56 37.17
C4B UNL K . -2.38 -19.39 39.40
O4B UNL K . -3.11 -18.73 40.45
C5B UNL K . -2.78 -20.84 39.32
O5B UNL K . -2.73 -21.50 40.61
P1A UNL K . -2.68 -23.13 40.66
O1A UNL K . -2.33 -23.66 42.00
O2A UNL K . -1.61 -23.61 39.67
O3A UNL K . -4.08 -23.73 40.20
P2A UNL K . -4.46 -24.86 39.14
O4A UNL K . -3.54 -24.76 37.99
O5A UNL K . -4.25 -26.23 39.81
O6A UNL K . -6.01 -24.70 38.69
CBP UNL K . -7.65 -26.40 38.05
CCP UNL K . -7.02 -25.59 39.19
CDP UNL K . -6.68 -27.49 37.59
CEP UNL K . -8.01 -25.52 36.84
CAP UNL K . -8.93 -27.04 38.64
OAP UNL K . -9.85 -26.09 39.14
C9P UNL K . -9.69 -28.01 37.74
O9P UNL K . -9.45 -29.22 37.79
N8P UNL K . -10.65 -27.51 36.97
N1A UNL L . -21.50 -39.89 -2.47
C2A UNL L . -21.09 -38.71 -1.99
N3A UNL L . -21.60 -38.01 -0.97
C4A UNL L . -22.63 -38.64 -0.41
C5A UNL L . -23.16 -39.86 -0.79
C6A UNL L . -22.55 -40.51 -1.88
N6A UNL L . -22.97 -41.67 -2.39
N7A UNL L . -24.22 -40.22 0.02
C8A UNL L . -24.31 -39.21 0.87
N9A UNL L . -23.39 -38.22 0.66
C1B UNL L . -23.24 -36.98 1.42
C2B UNL L . -24.51 -36.12 1.54
O2B UNL L . -24.34 -34.85 0.91
C3B UNL L . -24.70 -36.01 3.06
O3B UNL L . -24.99 -34.66 3.46
P3B UNL L . -26.44 -33.92 3.49
O7A UNL L . -26.38 -32.70 4.37
O8A UNL L . -26.79 -33.59 2.05
O9A UNL L . -27.45 -34.95 4.02
C4B UNL L . -23.29 -36.28 3.61
O4B UNL L . -22.79 -37.28 2.72
C5B UNL L . -23.23 -36.78 5.04
O5B UNL L . -23.58 -38.18 5.10
P1A UNL L . -24.58 -38.73 6.25
O1A UNL L . -25.12 -40.07 5.90
O2A UNL L . -25.75 -37.76 6.39
O3A UNL L . -23.84 -38.82 7.67
P2A UNL L . -24.19 -38.26 9.12
O4A UNL L . -25.35 -38.98 9.69
O5A UNL L . -24.59 -36.80 8.92
O6A UNL L . -22.87 -38.27 10.07
CBP UNL L . -21.38 -39.21 11.75
CCP UNL L . -22.48 -39.48 10.73
#